data_5E02
#
_entry.id   5E02
#
_cell.length_a   76.432
_cell.length_b   106.600
_cell.length_c   125.298
_cell.angle_alpha   90.000
_cell.angle_beta   90.000
_cell.angle_gamma   90.000
#
_symmetry.space_group_name_H-M   'P 21 21 21'
#
loop_
_entity.id
_entity.type
_entity.pdbx_description
1 polymer 'FRQ-interacting RNA helicase'
2 polymer "RNA (5'-R(*AP*AP*AP*A)-3')"
3 non-polymer "ADENOSINE-5'-DIPHOSPHATE"
#
loop_
_entity_poly.entity_id
_entity_poly.type
_entity_poly.pdbx_seq_one_letter_code
_entity_poly.pdbx_strand_id
1 'polypeptide(L)'
;MDDLFEVFEEQPRAQKKRKASPDVEMADGAAAAAPVANAAAAVTHPQAQAAPAPQKDNIDNNDNNNNNTTTSAVQPTIPN
GDAAAAADDVQSPQSPHGLGDNKRRKKTDEAEPIMTDAFQTAESREVTGAQGFAPTEGESIVLSHNIQHQVALPPDLDYE
YIPLSEHKPPAEPARTYSFKLDPFQALSVASIEREESVLVSAHTSAGKTVVAEYAIAQCLKKNQRVIYTSPIKALSNQKY
RDFQAEFGDVGLMTGDVTINPTASCLVMTTEILRSMLYRGSEIMREVAWVVFDEIHYMRDKIRGVVWEETIILLPDKVRY
VFLSATIPNAFQFAEWIAKIHRQACHVVYTDFRPTPLQNYFFPAGGKGILLIVDEKGNFKENNFNQAMAMIEEKKGTDSN
DWSAKQKGKGKNKKTNKGGEAADEKADIAKIIKMILKKNFQPVIVFNFSKRECEQMALASSSMKFNAPDEENMVNKVFEN
ALASLSEDDKNLPQISNILPLLRKGIGVHHSGLLPILKETIEILFQEGLIKVLFATETFSIGLNMPARTVVFTQVTKWDG
QQRRPLTSSEYIQMAGRAGRRGLDDRGIVIMMVDDKLEPETARAIVVGNQDKLNSAFHLGYNMVLNLLRIEAISPEYMLE
RCFFQFQNAASVPQLERELISLQQERDAIIIPDESIVKDYYGVRQQLEEYNKDMVFVIQHPQNCLGFFQEGRLIHIKSPS
GVDYGWGVLIKHIQRQTPKNGQPPYPEQESYVLDVLLKVSGDFNPKTRGEGPMPEGIMPAGKDSKNARWEVVPCLLNCLR
ALGQLRVFLPKRLESADEKDGVGKAVDEISRRFPDGIPILDPMENMGINDDSFKKLLRKIEVLESRLVANPLHNSPLLVE
LWNQYSLKMQLGEQIKEKKKAIARAHSVAQLDELKSRKRVLRRLGFINDAEVVQMKARVACEISSTEGHELLLAELLFNR
FFNELSPEICACILSCFIFDEKIETQALKEELAKPFREIQAQARIIAKVSAESKLDVNEDEYVQSLKWQLMETVLAWAQG
RPFSEICKMTNVYEGSLIRLFRRLEELLRQMAEAARVMGSEELKDKFELSLSKIRRDIVSFNSLYL
;
A
2 'polyribonucleotide' AAAA C
#
# COMPACT_ATOMS: atom_id res chain seq x y z
N ILE A 114 -4.82 1.06 30.07
CA ILE A 114 -5.42 2.26 30.61
C ILE A 114 -4.90 2.55 32.02
N MET A 115 -4.06 3.59 32.14
CA MET A 115 -3.45 3.94 33.42
C MET A 115 -3.71 5.40 33.77
N THR A 116 -3.07 6.28 33.03
CA THR A 116 -3.37 7.70 33.09
C THR A 116 -3.58 8.23 31.67
N ASP A 117 -4.82 8.63 31.39
CA ASP A 117 -5.22 9.12 30.07
C ASP A 117 -6.42 10.02 30.26
N ALA A 118 -6.75 10.81 29.26
CA ALA A 118 -7.94 11.66 29.36
C ALA A 118 -8.95 11.35 28.27
N PHE A 119 -10.08 12.03 28.33
CA PHE A 119 -11.14 11.86 27.33
C PHE A 119 -11.73 13.21 26.93
N GLN A 120 -11.78 13.47 25.63
CA GLN A 120 -12.34 14.70 25.10
C GLN A 120 -13.85 14.75 25.32
N THR A 121 -14.43 15.94 25.23
CA THR A 121 -15.88 16.06 25.23
C THR A 121 -16.40 15.45 23.93
N ALA A 122 -17.28 14.46 24.04
CA ALA A 122 -17.62 13.59 22.93
C ALA A 122 -18.21 14.30 21.71
N GLU A 123 -19.43 14.81 21.84
CA GLU A 123 -20.14 15.35 20.68
C GLU A 123 -20.01 16.88 20.56
N SER A 124 -20.70 17.60 21.42
CA SER A 124 -20.65 19.06 21.38
C SER A 124 -20.72 19.66 22.79
N ARG A 125 -19.85 20.63 23.05
CA ARG A 125 -19.79 21.28 24.36
C ARG A 125 -19.13 22.66 24.26
N GLU A 126 -19.38 23.52 25.24
CA GLU A 126 -18.70 24.81 25.34
C GLU A 126 -18.23 25.05 26.77
N VAL A 127 -16.92 25.21 26.95
CA VAL A 127 -16.32 25.19 28.28
C VAL A 127 -16.23 26.54 29.01
N THR A 128 -16.40 27.65 28.28
CA THR A 128 -16.22 28.97 28.91
C THR A 128 -17.21 30.04 28.46
N GLY A 129 -17.24 31.14 29.22
CA GLY A 129 -18.06 32.30 28.88
C GLY A 129 -17.68 33.49 29.74
N ALA A 130 -17.96 34.69 29.22
CA ALA A 130 -17.64 35.93 29.94
C ALA A 130 -18.51 37.08 29.47
N GLN A 131 -18.37 38.25 30.09
CA GLN A 131 -19.18 39.40 29.70
C GLN A 131 -18.45 40.75 29.65
N GLY A 132 -18.45 41.37 28.47
CA GLY A 132 -18.28 42.81 28.32
C GLY A 132 -16.92 43.46 28.12
N PHE A 133 -15.84 42.86 28.58
CA PHE A 133 -14.52 43.46 28.32
C PHE A 133 -13.48 42.52 27.70
N ALA A 134 -12.90 41.65 28.52
CA ALA A 134 -11.89 40.71 28.06
C ALA A 134 -12.32 39.27 28.28
N PRO A 135 -12.55 38.53 27.18
CA PRO A 135 -12.97 37.13 27.28
C PRO A 135 -11.81 36.13 27.29
N THR A 136 -12.15 34.85 27.38
CA THR A 136 -11.17 33.78 27.23
C THR A 136 -11.68 32.82 26.17
N GLU A 137 -10.91 32.61 25.10
CA GLU A 137 -11.48 31.94 23.94
C GLU A 137 -11.26 30.42 23.90
N GLY A 138 -12.37 29.70 24.07
CA GLY A 138 -12.40 28.28 23.83
C GLY A 138 -13.15 28.03 22.53
N GLU A 139 -13.15 29.04 21.67
CA GLU A 139 -14.14 29.17 20.60
C GLU A 139 -14.07 28.11 19.49
N SER A 140 -15.16 27.36 19.37
CA SER A 140 -15.48 26.49 18.24
C SER A 140 -14.35 25.60 17.74
N ILE A 141 -13.42 25.23 18.62
CA ILE A 141 -12.41 24.24 18.25
C ILE A 141 -12.03 23.38 19.44
N VAL A 142 -12.06 22.07 19.24
CA VAL A 142 -11.62 21.10 20.25
C VAL A 142 -11.72 19.68 19.67
N LEU A 143 -10.85 18.77 20.11
CA LEU A 143 -9.57 19.13 20.72
C LEU A 143 -8.39 18.79 19.79
N SER A 144 -7.78 19.83 19.23
CA SER A 144 -6.51 19.69 18.50
C SER A 144 -5.49 20.62 19.14
N HIS A 145 -4.39 20.06 19.63
CA HIS A 145 -3.53 20.81 20.55
C HIS A 145 -2.03 20.87 20.23
N ASN A 146 -1.34 19.75 20.37
CA ASN A 146 0.12 19.74 20.44
C ASN A 146 0.86 20.24 19.21
N ILE A 147 1.94 20.99 19.45
CA ILE A 147 2.92 21.37 18.43
C ILE A 147 4.31 21.10 18.98
N GLN A 148 5.30 21.02 18.09
CA GLN A 148 6.67 20.72 18.52
C GLN A 148 7.73 21.46 17.72
N HIS A 149 8.77 21.92 18.42
CA HIS A 149 9.96 22.47 17.76
C HIS A 149 11.24 21.97 18.41
N GLN A 150 12.05 21.24 17.64
CA GLN A 150 13.36 20.79 18.12
C GLN A 150 14.42 21.10 17.07
N VAL A 151 15.67 21.24 17.51
CA VAL A 151 16.75 21.61 16.60
C VAL A 151 17.94 20.65 16.69
N ALA A 152 18.34 20.11 15.54
CA ALA A 152 19.57 19.35 15.45
C ALA A 152 20.75 20.30 15.31
N LEU A 153 21.89 19.93 15.90
CA LEU A 153 23.05 20.83 15.90
C LEU A 153 24.25 20.24 15.16
N PRO A 154 25.04 21.10 14.51
CA PRO A 154 26.27 20.67 13.83
C PRO A 154 27.37 20.27 14.83
N PRO A 155 28.05 19.14 14.57
CA PRO A 155 29.13 18.62 15.40
C PRO A 155 30.29 19.60 15.56
N ASP A 156 30.99 19.53 16.69
CA ASP A 156 32.10 20.42 16.97
C ASP A 156 33.45 19.81 16.55
N LEU A 157 34.33 20.66 16.03
CA LEU A 157 35.61 20.21 15.51
C LEU A 157 36.63 19.93 16.60
N ASP A 158 36.72 20.82 17.59
CA ASP A 158 37.77 20.73 18.60
C ASP A 158 37.23 20.67 20.04
N TYR A 159 38.06 20.19 20.95
CA TYR A 159 37.75 20.20 22.37
C TYR A 159 37.73 21.64 22.87
N GLU A 160 38.68 22.42 22.37
CA GLU A 160 38.98 23.75 22.88
C GLU A 160 37.75 24.65 23.03
N TYR A 161 36.83 24.57 22.07
CA TYR A 161 35.66 25.43 22.11
C TYR A 161 34.36 24.74 21.74
N ILE A 162 33.41 24.75 22.66
CA ILE A 162 32.03 24.40 22.36
C ILE A 162 31.14 25.61 22.61
N PRO A 163 30.67 26.26 21.54
CA PRO A 163 29.70 27.34 21.74
C PRO A 163 28.31 26.79 22.05
N LEU A 164 27.57 27.46 22.91
CA LEU A 164 26.17 27.08 23.11
C LEU A 164 25.32 28.17 22.46
N SER A 165 24.71 27.81 21.34
CA SER A 165 24.01 28.80 20.53
C SER A 165 22.52 28.59 20.55
N GLU A 166 21.81 29.50 21.20
CA GLU A 166 20.36 29.47 21.20
C GLU A 166 19.84 30.23 20.00
N HIS A 167 18.83 29.67 19.35
CA HIS A 167 18.00 30.50 18.50
C HIS A 167 16.55 30.14 18.71
N LYS A 168 15.80 31.06 19.32
CA LYS A 168 14.35 30.94 19.39
C LYS A 168 13.73 32.13 18.67
N PRO A 169 13.22 31.88 17.46
CA PRO A 169 12.60 32.92 16.62
C PRO A 169 11.20 33.33 17.08
N PRO A 170 10.89 34.63 16.98
CA PRO A 170 9.57 35.18 17.34
C PRO A 170 8.44 34.57 16.53
N ALA A 171 7.24 34.55 17.11
CA ALA A 171 6.06 33.97 16.47
C ALA A 171 5.76 34.61 15.12
N GLU A 172 5.30 35.86 15.15
CA GLU A 172 5.08 36.61 13.92
C GLU A 172 6.36 37.30 13.47
N PRO A 173 6.82 36.96 12.26
CA PRO A 173 8.02 37.50 11.62
C PRO A 173 7.93 38.99 11.32
N ALA A 174 9.07 39.59 11.00
CA ALA A 174 9.17 41.02 10.75
C ALA A 174 8.30 41.49 9.58
N ARG A 175 8.33 40.73 8.50
CA ARG A 175 7.49 41.01 7.34
C ARG A 175 6.79 39.75 6.83
N THR A 176 5.46 39.76 6.90
CA THR A 176 4.65 38.61 6.50
C THR A 176 4.25 38.67 5.03
N TYR A 177 4.68 39.74 4.35
CA TYR A 177 4.32 39.97 2.95
C TYR A 177 2.80 39.97 2.76
N SER A 178 2.08 40.38 3.80
CA SER A 178 0.61 40.43 3.80
C SER A 178 -0.03 39.05 3.75
N PHE A 179 0.79 38.01 3.65
CA PHE A 179 0.31 36.63 3.61
C PHE A 179 -0.40 36.22 4.89
N LYS A 180 -1.35 35.30 4.75
CA LYS A 180 -2.09 34.77 5.88
C LYS A 180 -1.37 33.57 6.48
N LEU A 181 -1.15 33.59 7.79
CA LEU A 181 -0.38 32.53 8.44
C LEU A 181 -0.97 32.11 9.79
N ASP A 182 -1.03 30.80 10.01
CA ASP A 182 -1.41 30.26 11.31
C ASP A 182 -0.18 30.10 12.20
N PRO A 183 -0.39 30.01 13.53
CA PRO A 183 0.72 29.83 14.48
C PRO A 183 1.71 28.70 14.12
N PHE A 184 1.22 27.65 13.49
CA PHE A 184 2.08 26.51 13.15
C PHE A 184 3.05 26.82 12.02
N GLN A 185 2.54 27.40 10.93
CA GLN A 185 3.36 27.72 9.77
C GLN A 185 4.27 28.92 10.06
N ALA A 186 4.01 29.59 11.18
CA ALA A 186 4.76 30.78 11.56
C ALA A 186 6.22 30.48 11.86
N LEU A 187 6.47 29.53 12.75
CA LEU A 187 7.84 29.19 13.13
C LEU A 187 8.52 28.37 12.03
N SER A 188 7.72 27.78 11.15
CA SER A 188 8.25 27.10 9.98
C SER A 188 8.84 28.15 9.04
N VAL A 189 8.11 29.23 8.85
CA VAL A 189 8.57 30.37 8.07
C VAL A 189 9.72 31.08 8.78
N ALA A 190 9.59 31.25 10.09
CA ALA A 190 10.60 31.94 10.89
C ALA A 190 11.96 31.26 10.82
N SER A 191 11.96 29.93 10.70
CA SER A 191 13.19 29.17 10.60
C SER A 191 13.90 29.44 9.27
N ILE A 192 13.11 29.53 8.20
CA ILE A 192 13.63 29.88 6.89
C ILE A 192 14.04 31.36 6.87
N GLU A 193 13.31 32.16 7.64
CA GLU A 193 13.55 33.60 7.74
C GLU A 193 14.92 33.91 8.34
N ARG A 194 15.33 33.09 9.30
CA ARG A 194 16.63 33.25 9.95
C ARG A 194 17.67 32.46 9.17
N GLU A 195 17.25 31.91 8.03
CA GLU A 195 18.11 31.19 7.10
C GLU A 195 18.79 29.97 7.71
N GLU A 196 17.98 28.98 8.05
CA GLU A 196 18.46 27.69 8.53
C GLU A 196 17.54 26.57 8.05
N SER A 197 18.09 25.39 7.85
CA SER A 197 17.33 24.24 7.38
C SER A 197 16.21 23.87 8.35
N VAL A 198 15.09 23.39 7.83
CA VAL A 198 13.93 23.09 8.65
C VAL A 198 13.15 21.88 8.12
N LEU A 199 12.66 21.06 9.04
CA LEU A 199 11.85 19.90 8.70
C LEU A 199 10.42 20.10 9.18
N VAL A 200 9.48 20.12 8.25
CA VAL A 200 8.08 20.23 8.61
C VAL A 200 7.37 18.89 8.45
N SER A 201 7.03 18.27 9.57
CA SER A 201 6.33 16.99 9.53
C SER A 201 4.92 17.13 10.08
N ALA A 202 3.95 17.08 9.17
CA ALA A 202 2.55 17.21 9.53
C ALA A 202 1.69 16.61 8.42
N HIS A 203 0.41 16.37 8.71
CA HIS A 203 -0.50 15.82 7.71
C HIS A 203 -0.66 16.80 6.54
N THR A 204 -1.07 16.28 5.39
CA THR A 204 -1.27 17.11 4.20
C THR A 204 -2.37 18.15 4.40
N SER A 205 -3.12 18.02 5.50
CA SER A 205 -4.15 18.99 5.84
C SER A 205 -3.55 20.25 6.48
N ALA A 206 -2.31 20.14 6.95
CA ALA A 206 -1.67 21.22 7.70
C ALA A 206 -1.32 22.43 6.83
N GLY A 207 -1.41 22.27 5.52
CA GLY A 207 -1.07 23.37 4.64
C GLY A 207 0.42 23.65 4.50
N LYS A 208 1.18 22.60 4.22
CA LYS A 208 2.63 22.71 4.09
C LYS A 208 3.07 23.55 2.89
N THR A 209 2.28 23.56 1.81
CA THR A 209 2.67 24.26 0.57
C THR A 209 2.98 25.74 0.79
N VAL A 210 2.31 26.36 1.74
CA VAL A 210 2.49 27.79 1.97
C VAL A 210 3.91 28.13 2.43
N VAL A 211 4.58 27.20 3.09
CA VAL A 211 5.92 27.45 3.58
C VAL A 211 6.95 27.25 2.47
N ALA A 212 6.55 26.51 1.43
CA ALA A 212 7.42 26.30 0.27
C ALA A 212 7.40 27.53 -0.62
N GLU A 213 6.27 28.22 -0.66
CA GLU A 213 6.11 29.42 -1.45
C GLU A 213 6.86 30.59 -0.83
N TYR A 214 7.02 30.55 0.49
CA TYR A 214 7.73 31.61 1.20
C TYR A 214 9.24 31.50 0.95
N ALA A 215 9.74 30.27 0.98
CA ALA A 215 11.16 30.01 0.78
C ALA A 215 11.62 30.48 -0.59
N ILE A 216 10.83 30.19 -1.62
CA ILE A 216 11.13 30.64 -2.96
C ILE A 216 11.01 32.16 -3.04
N ALA A 217 9.93 32.71 -2.47
CA ALA A 217 9.70 34.15 -2.49
C ALA A 217 10.77 34.89 -1.70
N GLN A 218 11.26 34.27 -0.63
CA GLN A 218 12.34 34.86 0.15
C GLN A 218 13.60 34.98 -0.69
N CYS A 219 13.87 33.96 -1.49
CA CYS A 219 15.04 33.96 -2.37
C CYS A 219 14.86 34.91 -3.54
N LEU A 220 13.69 34.84 -4.16
CA LEU A 220 13.36 35.71 -5.29
C LEU A 220 13.44 37.18 -4.90
N LYS A 221 13.16 37.45 -3.62
CA LYS A 221 13.17 38.81 -3.10
C LYS A 221 14.57 39.41 -3.19
N LYS A 222 15.56 38.66 -2.73
CA LYS A 222 16.95 39.11 -2.79
C LYS A 222 17.64 38.57 -4.05
N ASN A 223 16.85 37.94 -4.93
CA ASN A 223 17.29 37.51 -6.25
C ASN A 223 18.42 36.48 -6.24
N GLN A 224 18.10 35.27 -5.80
CA GLN A 224 18.99 34.12 -5.95
C GLN A 224 18.18 32.93 -6.45
N ARG A 225 18.84 31.79 -6.65
CA ARG A 225 18.18 30.65 -7.32
C ARG A 225 17.73 29.56 -6.36
N VAL A 226 16.59 28.95 -6.67
CA VAL A 226 16.00 27.88 -5.86
C VAL A 226 15.74 26.63 -6.69
N ILE A 227 15.70 25.48 -6.03
CA ILE A 227 15.29 24.25 -6.67
C ILE A 227 14.13 23.60 -5.93
N TYR A 228 12.99 23.48 -6.59
CA TYR A 228 11.86 22.74 -6.03
C TYR A 228 11.83 21.33 -6.62
N THR A 229 11.48 20.34 -5.80
CA THR A 229 11.50 18.95 -6.22
C THR A 229 10.22 18.23 -5.76
N SER A 230 9.84 17.21 -6.52
CA SER A 230 8.68 16.40 -6.16
C SER A 230 8.93 14.94 -6.48
N PRO A 231 8.38 14.04 -5.65
CA PRO A 231 8.54 12.60 -5.86
C PRO A 231 8.05 12.18 -7.24
N ILE A 232 7.15 12.97 -7.81
CA ILE A 232 6.46 12.56 -9.03
C ILE A 232 6.38 13.71 -10.07
N LYS A 233 6.69 13.42 -11.34
CA LYS A 233 6.83 14.47 -12.38
C LYS A 233 5.48 15.04 -12.74
N ALA A 234 4.44 14.24 -12.57
CA ALA A 234 3.10 14.69 -12.85
C ALA A 234 2.71 15.80 -11.89
N LEU A 235 3.11 15.65 -10.62
CA LEU A 235 2.79 16.67 -9.61
C LEU A 235 3.75 17.84 -9.70
N SER A 236 4.89 17.64 -10.33
CA SER A 236 5.85 18.71 -10.50
C SER A 236 5.32 19.72 -11.51
N ASN A 237 4.62 19.23 -12.53
CA ASN A 237 4.10 20.09 -13.59
C ASN A 237 2.98 20.98 -13.11
N GLN A 238 2.15 20.46 -12.20
CA GLN A 238 1.03 21.21 -11.66
C GLN A 238 1.53 22.38 -10.81
N LYS A 239 2.50 22.10 -9.94
CA LYS A 239 3.07 23.13 -9.08
C LYS A 239 3.84 24.18 -9.87
N TYR A 240 4.33 23.80 -11.05
CA TYR A 240 5.07 24.73 -11.91
C TYR A 240 4.20 25.87 -12.39
N ARG A 241 3.09 25.53 -13.04
CA ARG A 241 2.19 26.53 -13.61
C ARG A 241 1.59 27.39 -12.50
N ASP A 242 1.55 26.83 -11.30
CA ASP A 242 1.13 27.58 -10.12
C ASP A 242 2.20 28.61 -9.77
N PHE A 243 3.46 28.18 -9.78
CA PHE A 243 4.58 29.06 -9.46
C PHE A 243 4.83 30.10 -10.54
N GLN A 244 4.78 29.67 -11.80
CA GLN A 244 5.02 30.57 -12.92
C GLN A 244 3.95 31.67 -12.99
N ALA A 245 2.70 31.29 -12.83
CA ALA A 245 1.60 32.25 -12.87
C ALA A 245 1.64 33.17 -11.66
N GLU A 246 2.30 32.73 -10.60
CA GLU A 246 2.44 33.53 -9.39
C GLU A 246 3.63 34.48 -9.48
N PHE A 247 4.83 33.90 -9.56
CA PHE A 247 6.07 34.68 -9.62
C PHE A 247 6.38 35.11 -11.05
N GLY A 248 6.62 34.15 -11.93
CA GLY A 248 6.94 34.44 -13.33
C GLY A 248 8.39 34.20 -13.67
N ASP A 249 9.23 34.13 -12.65
CA ASP A 249 10.65 33.88 -12.84
C ASP A 249 10.93 32.38 -12.78
N VAL A 250 9.85 31.60 -12.73
CA VAL A 250 9.93 30.14 -12.61
C VAL A 250 10.01 29.44 -13.97
N GLY A 251 10.75 28.34 -14.02
CA GLY A 251 10.74 27.45 -15.16
C GLY A 251 11.04 26.04 -14.71
N LEU A 252 10.57 25.05 -15.47
CA LEU A 252 10.72 23.65 -15.06
C LEU A 252 11.73 22.91 -15.92
N MET A 253 12.54 22.08 -15.29
CA MET A 253 13.34 21.12 -16.04
C MET A 253 12.90 19.70 -15.68
N THR A 254 12.20 19.05 -16.60
CA THR A 254 11.90 17.64 -16.44
C THR A 254 12.86 16.92 -17.39
N GLY A 255 12.78 15.60 -17.43
CA GLY A 255 13.56 14.87 -18.42
C GLY A 255 13.03 15.24 -19.79
N ASP A 256 11.73 15.05 -19.97
CA ASP A 256 11.08 15.25 -21.26
C ASP A 256 11.21 16.69 -21.75
N VAL A 257 10.74 17.63 -20.94
CA VAL A 257 10.76 19.03 -21.32
C VAL A 257 11.58 19.87 -20.36
N THR A 258 12.55 20.59 -20.90
CA THR A 258 13.29 21.58 -20.12
C THR A 258 12.91 22.97 -20.59
N ILE A 259 12.15 23.69 -19.77
CA ILE A 259 11.65 25.00 -20.13
C ILE A 259 12.24 26.08 -19.23
N ASN A 260 12.92 27.04 -19.85
CA ASN A 260 13.55 28.16 -19.14
C ASN A 260 14.49 27.68 -18.01
N PRO A 261 15.57 26.99 -18.39
CA PRO A 261 16.51 26.47 -17.39
C PRO A 261 17.32 27.58 -16.72
N THR A 262 17.36 28.75 -17.36
CA THR A 262 18.14 29.87 -16.84
C THR A 262 17.36 30.65 -15.79
N ALA A 263 16.14 30.20 -15.53
CA ALA A 263 15.29 30.86 -14.53
C ALA A 263 15.83 30.68 -13.12
N SER A 264 15.45 31.58 -12.22
CA SER A 264 15.91 31.54 -10.83
C SER A 264 15.35 30.32 -10.10
N CYS A 265 14.03 30.18 -10.10
CA CYS A 265 13.38 29.03 -9.47
C CYS A 265 13.19 27.91 -10.47
N LEU A 266 13.47 26.68 -10.05
CA LEU A 266 13.35 25.53 -10.95
C LEU A 266 12.55 24.40 -10.34
N VAL A 267 11.60 23.89 -11.11
CA VAL A 267 10.87 22.68 -10.76
C VAL A 267 11.43 21.51 -11.56
N MET A 268 12.01 20.54 -10.87
CA MET A 268 12.63 19.41 -11.57
C MET A 268 12.36 18.08 -10.90
N THR A 269 12.53 17.01 -11.65
CA THR A 269 12.39 15.65 -11.14
C THR A 269 13.54 15.35 -10.19
N THR A 270 13.28 14.52 -9.19
CA THR A 270 14.32 14.06 -8.28
C THR A 270 15.39 13.29 -9.03
N GLU A 271 15.01 12.71 -10.17
CA GLU A 271 15.94 11.99 -11.03
C GLU A 271 16.92 12.95 -11.69
N ILE A 272 16.42 14.11 -12.09
CA ILE A 272 17.25 15.12 -12.74
C ILE A 272 18.22 15.76 -11.76
N LEU A 273 17.71 16.05 -10.56
CA LEU A 273 18.52 16.67 -9.52
C LEU A 273 19.73 15.81 -9.17
N ARG A 274 19.57 14.49 -9.23
CA ARG A 274 20.67 13.57 -8.98
C ARG A 274 21.65 13.55 -10.14
N SER A 275 21.11 13.57 -11.35
CA SER A 275 21.93 13.41 -12.55
C SER A 275 22.86 14.61 -12.76
N MET A 276 22.45 15.78 -12.29
CA MET A 276 23.30 16.96 -12.41
C MET A 276 24.46 16.92 -11.41
N LEU A 277 24.21 16.34 -10.24
CA LEU A 277 25.22 16.27 -9.18
C LEU A 277 26.34 15.29 -9.53
N TYR A 278 25.96 14.12 -10.02
CA TYR A 278 26.94 13.12 -10.47
C TYR A 278 27.73 13.66 -11.65
N ARG A 279 27.09 14.48 -12.47
CA ARG A 279 27.75 15.11 -13.61
C ARG A 279 28.36 16.46 -13.21
N GLY A 280 28.07 16.90 -11.99
CA GLY A 280 28.65 18.12 -11.47
C GLY A 280 28.22 19.38 -12.22
N SER A 281 26.91 19.59 -12.30
CA SER A 281 26.37 20.77 -12.97
C SER A 281 26.77 22.05 -12.27
N GLU A 282 27.05 23.09 -13.05
CA GLU A 282 27.44 24.39 -12.52
C GLU A 282 26.24 25.08 -11.86
N ILE A 283 25.04 24.73 -12.30
CA ILE A 283 23.83 25.37 -11.78
C ILE A 283 23.65 25.09 -10.29
N MET A 284 24.28 24.01 -9.81
CA MET A 284 24.18 23.64 -8.40
C MET A 284 25.02 24.55 -7.52
N ARG A 285 26.02 25.20 -8.13
CA ARG A 285 26.84 26.17 -7.41
C ARG A 285 26.04 27.45 -7.16
N GLU A 286 25.04 27.68 -7.99
CA GLU A 286 24.25 28.91 -7.93
C GLU A 286 22.95 28.74 -7.15
N VAL A 287 22.69 27.52 -6.67
CA VAL A 287 21.44 27.25 -5.97
C VAL A 287 21.59 27.43 -4.45
N ALA A 288 20.71 28.25 -3.89
CA ALA A 288 20.71 28.49 -2.45
C ALA A 288 19.85 27.46 -1.72
N TRP A 289 18.56 27.47 -1.98
CA TRP A 289 17.63 26.55 -1.34
C TRP A 289 17.16 25.43 -2.26
N VAL A 290 17.00 24.25 -1.69
CA VAL A 290 16.42 23.11 -2.41
C VAL A 290 15.26 22.54 -1.61
N VAL A 291 14.06 22.59 -2.18
CA VAL A 291 12.86 22.16 -1.47
C VAL A 291 12.42 20.75 -1.87
N PHE A 292 12.49 19.83 -0.91
CA PHE A 292 12.01 18.47 -1.12
C PHE A 292 10.59 18.33 -0.55
N ASP A 293 9.71 17.73 -1.32
CA ASP A 293 8.32 17.59 -0.91
C ASP A 293 7.94 16.12 -0.76
N GLU A 294 7.13 15.82 0.26
CA GLU A 294 6.71 14.45 0.57
C GLU A 294 7.90 13.51 0.69
N ILE A 295 8.87 13.91 1.50
CA ILE A 295 10.14 13.19 1.62
C ILE A 295 9.98 11.83 2.32
N HIS A 296 8.85 11.63 2.97
CA HIS A 296 8.58 10.38 3.69
C HIS A 296 8.31 9.22 2.73
N TYR A 297 8.23 9.54 1.44
CA TYR A 297 8.03 8.52 0.41
C TYR A 297 9.36 8.00 -0.10
N MET A 298 10.42 8.40 0.61
CA MET A 298 11.75 7.84 0.43
C MET A 298 11.78 6.32 0.65
N ARG A 299 10.68 5.77 1.19
CA ARG A 299 10.58 4.34 1.47
C ARG A 299 10.53 3.48 0.22
N ASP A 300 10.13 4.06 -0.90
CA ASP A 300 9.91 3.32 -2.15
C ASP A 300 11.15 2.53 -2.55
N LYS A 301 10.97 1.24 -2.78
CA LYS A 301 12.09 0.32 -2.95
C LYS A 301 12.84 0.55 -4.26
N ILE A 302 12.23 1.28 -5.17
CA ILE A 302 12.86 1.58 -6.45
C ILE A 302 13.48 2.97 -6.46
N ARG A 303 12.64 3.99 -6.38
CA ARG A 303 13.11 5.38 -6.47
C ARG A 303 13.36 6.07 -5.15
N GLY A 304 13.20 5.36 -4.05
CA GLY A 304 13.47 5.93 -2.74
C GLY A 304 14.94 6.07 -2.44
N VAL A 305 15.76 5.20 -3.04
CA VAL A 305 17.20 5.28 -2.87
C VAL A 305 17.74 6.56 -3.51
N VAL A 306 17.03 7.05 -4.52
CA VAL A 306 17.41 8.26 -5.23
C VAL A 306 17.46 9.49 -4.33
N TRP A 307 16.48 9.57 -3.41
CA TRP A 307 16.39 10.71 -2.49
C TRP A 307 17.61 10.82 -1.59
N GLU A 308 18.16 9.67 -1.17
CA GLU A 308 19.34 9.66 -0.32
C GLU A 308 20.59 10.05 -1.12
N GLU A 309 20.72 9.49 -2.32
CA GLU A 309 21.85 9.81 -3.19
C GLU A 309 21.94 11.30 -3.46
N THR A 310 20.77 11.91 -3.66
CA THR A 310 20.70 13.34 -3.95
C THR A 310 21.18 14.15 -2.74
N ILE A 311 20.60 13.88 -1.58
CA ILE A 311 20.87 14.67 -0.38
C ILE A 311 22.34 14.63 0.06
N ILE A 312 22.90 13.43 0.18
CA ILE A 312 24.27 13.25 0.63
C ILE A 312 25.28 13.99 -0.25
N LEU A 313 25.09 13.91 -1.56
CA LEU A 313 26.02 14.51 -2.51
C LEU A 313 25.90 16.02 -2.61
N LEU A 314 24.77 16.56 -2.14
CA LEU A 314 24.50 17.99 -2.24
C LEU A 314 25.52 18.83 -1.47
N PRO A 315 25.81 20.04 -1.98
CA PRO A 315 26.73 20.99 -1.34
C PRO A 315 26.35 21.33 0.10
N ASP A 316 27.36 21.54 0.94
CA ASP A 316 27.13 21.78 2.36
C ASP A 316 26.57 23.18 2.63
N LYS A 317 26.66 24.06 1.65
CA LYS A 317 26.19 25.44 1.82
C LYS A 317 24.76 25.62 1.34
N VAL A 318 24.14 24.54 0.89
CA VAL A 318 22.74 24.56 0.49
C VAL A 318 21.84 24.45 1.72
N ARG A 319 20.86 25.34 1.82
CA ARG A 319 19.89 25.29 2.90
C ARG A 319 18.66 24.49 2.44
N TYR A 320 18.08 23.72 3.35
CA TYR A 320 17.05 22.76 2.99
C TYR A 320 15.68 23.05 3.59
N VAL A 321 14.65 22.61 2.89
CA VAL A 321 13.28 22.60 3.41
C VAL A 321 12.70 21.21 3.19
N PHE A 322 12.29 20.56 4.28
CA PHE A 322 11.76 19.22 4.20
C PHE A 322 10.27 19.18 4.53
N LEU A 323 9.46 18.86 3.53
CA LEU A 323 8.01 18.79 3.70
C LEU A 323 7.57 17.33 3.75
N SER A 324 7.10 16.89 4.91
CA SER A 324 6.78 15.49 5.12
C SER A 324 5.49 15.28 5.90
N ALA A 325 4.99 14.06 5.88
CA ALA A 325 3.85 13.67 6.69
C ALA A 325 4.31 13.40 8.12
N THR A 326 3.41 12.89 8.94
CA THR A 326 3.77 12.61 10.33
C THR A 326 4.65 11.36 10.42
N ILE A 327 5.85 11.54 10.96
CA ILE A 327 6.78 10.43 11.18
C ILE A 327 7.35 10.52 12.59
N PRO A 328 7.55 9.38 13.26
CA PRO A 328 8.07 9.36 14.63
C PRO A 328 9.52 9.81 14.70
N ASN A 329 10.31 9.44 13.69
CA ASN A 329 11.76 9.62 13.69
C ASN A 329 12.22 10.95 13.09
N ALA A 330 11.25 11.84 12.87
CA ALA A 330 11.50 13.15 12.25
C ALA A 330 12.74 13.86 12.82
N PHE A 331 12.94 13.75 14.13
CA PHE A 331 14.14 14.34 14.74
C PHE A 331 15.40 13.57 14.34
N GLN A 332 15.27 12.25 14.19
CA GLN A 332 16.40 11.42 13.79
C GLN A 332 16.86 11.76 12.37
N PHE A 333 15.91 12.16 11.53
CA PHE A 333 16.22 12.55 10.16
C PHE A 333 17.07 13.82 10.13
N ALA A 334 16.76 14.76 11.02
CA ALA A 334 17.47 16.03 11.08
C ALA A 334 18.89 15.83 11.60
N GLU A 335 19.05 14.88 12.52
CA GLU A 335 20.37 14.52 13.03
C GLU A 335 21.29 14.08 11.91
N TRP A 336 20.73 13.31 10.98
CA TRP A 336 21.48 12.77 9.86
C TRP A 336 21.85 13.87 8.86
N ILE A 337 20.95 14.83 8.69
CA ILE A 337 21.20 15.98 7.85
C ILE A 337 22.22 16.92 8.52
N ALA A 338 22.10 17.06 9.82
CA ALA A 338 22.98 17.96 10.56
C ALA A 338 24.41 17.45 10.61
N LYS A 339 24.57 16.13 10.68
CA LYS A 339 25.88 15.53 10.86
C LYS A 339 26.72 15.55 9.60
N ILE A 340 26.12 15.14 8.48
CA ILE A 340 26.87 15.05 7.23
C ILE A 340 27.04 16.41 6.55
N HIS A 341 26.10 17.33 6.77
CA HIS A 341 26.18 18.65 6.16
C HIS A 341 26.73 19.75 7.06
N ARG A 342 27.03 19.41 8.32
CA ARG A 342 27.48 20.39 9.31
C ARG A 342 26.55 21.59 9.39
N GLN A 343 25.25 21.32 9.52
CA GLN A 343 24.25 22.38 9.60
C GLN A 343 23.39 22.26 10.85
N ALA A 344 22.69 23.33 11.18
CA ALA A 344 21.70 23.28 12.24
C ALA A 344 20.32 23.16 11.59
N CYS A 345 19.72 21.99 11.73
CA CYS A 345 18.46 21.70 11.05
C CYS A 345 17.30 21.66 12.04
N HIS A 346 16.35 22.59 11.87
CA HIS A 346 15.19 22.66 12.73
C HIS A 346 14.18 21.56 12.43
N VAL A 347 13.33 21.27 13.41
CA VAL A 347 12.23 20.33 13.20
C VAL A 347 10.93 20.92 13.71
N VAL A 348 9.97 21.09 12.82
CA VAL A 348 8.65 21.56 13.19
C VAL A 348 7.62 20.45 12.95
N TYR A 349 7.07 19.91 14.04
CA TYR A 349 6.18 18.75 13.96
C TYR A 349 4.86 19.00 14.67
N THR A 350 3.75 18.62 14.03
CA THR A 350 2.42 18.76 14.62
C THR A 350 1.53 17.56 14.32
N ASP A 351 0.82 17.09 15.36
CA ASP A 351 -0.04 15.93 15.22
C ASP A 351 -1.52 16.29 15.00
N PHE A 352 -1.84 17.58 14.98
CA PHE A 352 -3.25 17.96 14.95
C PHE A 352 -3.89 17.78 13.57
N ARG A 353 -5.16 17.40 13.58
CA ARG A 353 -5.97 17.37 12.37
C ARG A 353 -7.34 18.01 12.66
N PRO A 354 -7.90 18.74 11.68
CA PRO A 354 -9.09 19.57 11.87
C PRO A 354 -10.36 18.80 12.29
N THR A 355 -10.41 17.50 12.05
CA THR A 355 -11.63 16.74 12.32
C THR A 355 -11.35 15.41 13.02
N PRO A 356 -12.18 15.05 14.01
CA PRO A 356 -12.11 13.75 14.68
C PRO A 356 -12.35 12.58 13.72
N LEU A 357 -11.92 11.39 14.11
CA LEU A 357 -11.97 10.24 13.22
C LEU A 357 -12.51 9.00 13.92
N GLN A 358 -13.56 8.40 13.35
CA GLN A 358 -14.10 7.15 13.88
C GLN A 358 -13.81 6.03 12.89
N ASN A 359 -13.37 4.89 13.42
CA ASN A 359 -12.96 3.78 12.56
C ASN A 359 -13.91 2.61 12.57
N TYR A 360 -14.42 2.24 11.40
CA TYR A 360 -15.31 1.11 11.25
C TYR A 360 -14.64 -0.03 10.49
N PHE A 361 -14.75 -1.25 11.02
CA PHE A 361 -14.24 -2.42 10.32
C PHE A 361 -15.34 -3.08 9.50
N PHE A 362 -15.03 -3.41 8.25
CA PHE A 362 -15.98 -4.11 7.40
C PHE A 362 -15.47 -5.52 7.14
N PRO A 363 -16.10 -6.53 7.76
CA PRO A 363 -15.68 -7.92 7.54
C PRO A 363 -16.05 -8.42 6.15
N ALA A 364 -15.15 -9.20 5.55
CA ALA A 364 -15.38 -9.73 4.20
C ALA A 364 -16.55 -10.70 4.19
N GLY A 365 -17.50 -10.46 3.30
CA GLY A 365 -18.71 -11.25 3.24
C GLY A 365 -19.73 -10.83 4.28
N GLY A 366 -19.30 -9.97 5.19
CA GLY A 366 -20.15 -9.49 6.27
C GLY A 366 -21.28 -8.61 5.79
N LYS A 367 -22.36 -8.57 6.56
CA LYS A 367 -23.54 -7.80 6.20
C LYS A 367 -23.56 -6.39 6.81
N GLY A 368 -22.48 -6.03 7.50
CA GLY A 368 -22.39 -4.69 8.08
C GLY A 368 -20.99 -4.27 8.50
N ILE A 369 -20.89 -3.09 9.11
CA ILE A 369 -19.62 -2.57 9.62
C ILE A 369 -19.65 -2.46 11.15
N LEU A 370 -18.50 -2.68 11.78
CA LEU A 370 -18.37 -2.61 13.23
C LEU A 370 -17.41 -1.50 13.62
N LEU A 371 -17.71 -0.78 14.71
CA LEU A 371 -16.85 0.33 15.10
C LEU A 371 -15.74 -0.20 16.02
N ILE A 372 -14.52 -0.22 15.50
CA ILE A 372 -13.37 -0.66 16.26
C ILE A 372 -12.75 0.47 17.11
N VAL A 373 -12.62 1.65 16.53
CA VAL A 373 -11.98 2.78 17.22
C VAL A 373 -12.94 3.94 17.43
N ASP A 374 -13.13 4.30 18.70
CA ASP A 374 -13.99 5.43 19.08
C ASP A 374 -13.36 6.75 18.65
N GLU A 375 -14.19 7.78 18.53
CA GLU A 375 -13.72 9.12 18.16
C GLU A 375 -12.65 9.64 19.10
N LYS A 376 -12.64 9.15 20.33
CA LYS A 376 -11.68 9.61 21.35
C LYS A 376 -10.45 8.71 21.40
N GLY A 377 -10.43 7.67 20.57
CA GLY A 377 -9.28 6.78 20.52
C GLY A 377 -9.47 5.41 21.16
N ASN A 378 -10.61 5.21 21.80
CA ASN A 378 -10.91 3.92 22.44
C ASN A 378 -11.00 2.77 21.45
N PHE A 379 -10.33 1.66 21.76
CA PHE A 379 -10.34 0.49 20.90
C PHE A 379 -11.28 -0.59 21.42
N LYS A 380 -12.33 -0.89 20.66
CA LYS A 380 -13.27 -1.93 21.06
C LYS A 380 -12.74 -3.31 20.71
N GLU A 381 -12.54 -4.14 21.73
CA GLU A 381 -11.97 -5.47 21.52
C GLU A 381 -13.02 -6.47 21.05
N ASN A 382 -14.25 -6.29 21.50
CA ASN A 382 -15.34 -7.21 21.16
C ASN A 382 -15.75 -7.09 19.70
N ASN A 383 -15.84 -5.86 19.22
CA ASN A 383 -16.14 -5.61 17.81
C ASN A 383 -15.07 -6.22 16.92
N PHE A 384 -13.82 -6.14 17.39
CA PHE A 384 -12.69 -6.76 16.71
C PHE A 384 -12.84 -8.27 16.68
N ASN A 385 -13.16 -8.85 17.84
CA ASN A 385 -13.31 -10.29 17.96
C ASN A 385 -14.52 -10.82 17.21
N GLN A 386 -15.64 -10.09 17.31
CA GLN A 386 -16.87 -10.50 16.61
C GLN A 386 -16.69 -10.41 15.10
N ALA A 387 -15.81 -9.52 14.65
CA ALA A 387 -15.55 -9.36 13.23
C ALA A 387 -14.79 -10.57 12.69
N MET A 388 -13.91 -11.13 13.51
CA MET A 388 -13.11 -12.29 13.11
C MET A 388 -13.96 -13.55 13.00
N ALA A 389 -15.11 -13.53 13.66
CA ALA A 389 -16.05 -14.65 13.59
C ALA A 389 -16.71 -14.70 12.22
N MET A 390 -16.73 -13.56 11.54
CA MET A 390 -17.37 -13.46 10.23
C MET A 390 -16.51 -14.03 9.11
N ILE A 391 -15.20 -14.04 9.32
CA ILE A 391 -14.26 -14.34 8.24
C ILE A 391 -13.88 -15.83 8.18
N GLU A 392 -14.48 -16.63 9.04
CA GLU A 392 -14.24 -18.07 9.01
C GLU A 392 -15.29 -18.75 8.12
N GLU A 393 -16.14 -17.92 7.51
CA GLU A 393 -17.19 -18.40 6.62
C GLU A 393 -16.64 -18.53 5.21
N LYS A 394 -15.35 -18.26 5.05
CA LYS A 394 -14.67 -18.44 3.77
C LYS A 394 -13.60 -19.50 3.85
N GLU A 424 -13.62 -10.77 -5.77
CA GLU A 424 -14.85 -10.94 -6.51
C GLU A 424 -16.05 -10.35 -5.77
N LYS A 425 -15.78 -9.85 -4.57
CA LYS A 425 -16.84 -9.31 -3.71
C LYS A 425 -17.41 -8.01 -4.28
N ALA A 426 -18.72 -7.98 -4.44
CA ALA A 426 -19.41 -6.79 -4.92
C ALA A 426 -19.67 -5.86 -3.74
N ASP A 427 -19.22 -6.27 -2.56
CA ASP A 427 -19.57 -5.63 -1.30
C ASP A 427 -19.29 -4.13 -1.25
N ILE A 428 -18.39 -3.65 -2.10
CA ILE A 428 -18.13 -2.23 -2.19
C ILE A 428 -19.34 -1.50 -2.77
N ALA A 429 -20.06 -2.16 -3.67
CA ALA A 429 -21.23 -1.55 -4.29
C ALA A 429 -22.34 -1.31 -3.26
N LYS A 430 -22.31 -2.10 -2.18
CA LYS A 430 -23.27 -1.95 -1.10
C LYS A 430 -22.95 -0.73 -0.24
N ILE A 431 -21.67 -0.59 0.14
CA ILE A 431 -21.23 0.52 0.98
C ILE A 431 -21.59 1.87 0.36
N ILE A 432 -21.17 2.08 -0.88
CA ILE A 432 -21.41 3.32 -1.60
C ILE A 432 -22.92 3.58 -1.76
N LYS A 433 -23.69 2.51 -1.79
CA LYS A 433 -25.14 2.60 -1.93
C LYS A 433 -25.79 3.26 -0.71
N MET A 434 -25.47 2.74 0.47
CA MET A 434 -26.11 3.21 1.71
C MET A 434 -25.53 4.51 2.26
N ILE A 435 -24.22 4.74 2.08
CA ILE A 435 -23.61 5.95 2.61
C ILE A 435 -24.12 7.19 1.89
N LEU A 436 -24.69 6.99 0.70
CA LEU A 436 -25.42 8.05 0.03
C LEU A 436 -26.66 8.40 0.83
N LYS A 437 -27.36 7.37 1.30
CA LYS A 437 -28.57 7.55 2.09
C LYS A 437 -28.25 7.93 3.53
N LYS A 438 -27.09 7.49 4.00
CA LYS A 438 -26.64 7.82 5.35
C LYS A 438 -25.94 9.17 5.35
N ASN A 439 -25.91 9.79 4.18
CA ASN A 439 -25.31 11.11 4.00
C ASN A 439 -23.83 11.14 4.40
N PHE A 440 -23.07 10.12 4.00
CA PHE A 440 -21.63 10.24 4.13
C PHE A 440 -21.06 10.56 2.75
N GLN A 441 -20.78 11.83 2.53
CA GLN A 441 -20.21 12.30 1.27
C GLN A 441 -19.39 13.58 1.47
N PRO A 442 -18.34 13.78 0.66
CA PRO A 442 -17.82 12.87 -0.36
C PRO A 442 -17.05 11.70 0.27
N VAL A 443 -16.89 10.62 -0.49
CA VAL A 443 -16.19 9.44 0.02
C VAL A 443 -15.08 9.01 -0.94
N ILE A 444 -13.86 8.95 -0.42
CA ILE A 444 -12.71 8.52 -1.21
C ILE A 444 -12.42 7.05 -0.99
N VAL A 445 -12.57 6.26 -2.06
CA VAL A 445 -12.26 4.84 -2.00
C VAL A 445 -10.86 4.60 -2.55
N PHE A 446 -9.97 4.13 -1.70
CA PHE A 446 -8.58 3.93 -2.10
C PHE A 446 -8.31 2.49 -2.50
N ASN A 447 -7.82 2.29 -3.72
CA ASN A 447 -7.46 0.97 -4.17
C ASN A 447 -6.08 0.98 -4.84
N PHE A 448 -5.27 -0.02 -4.53
CA PHE A 448 -3.88 -0.07 -4.99
C PHE A 448 -3.67 -0.72 -6.36
N SER A 449 -4.72 -1.05 -7.07
CA SER A 449 -4.53 -1.59 -8.41
C SER A 449 -5.25 -0.72 -9.42
N LYS A 450 -4.66 -0.58 -10.61
CA LYS A 450 -5.27 0.21 -11.67
C LYS A 450 -6.44 -0.55 -12.28
N ARG A 451 -6.33 -1.87 -12.28
CA ARG A 451 -7.29 -2.73 -12.96
C ARG A 451 -8.62 -2.86 -12.22
N GLU A 452 -8.57 -3.44 -11.03
CA GLU A 452 -9.77 -3.67 -10.23
C GLU A 452 -10.38 -2.37 -9.70
N CYS A 453 -9.65 -1.26 -9.85
CA CYS A 453 -10.14 0.04 -9.41
C CYS A 453 -11.27 0.54 -10.30
N GLU A 454 -11.18 0.23 -11.59
CA GLU A 454 -12.20 0.66 -12.54
C GLU A 454 -13.43 -0.24 -12.48
N GLN A 455 -13.25 -1.45 -11.97
CA GLN A 455 -14.36 -2.40 -11.86
C GLN A 455 -15.30 -2.02 -10.72
N MET A 456 -14.73 -1.58 -9.61
CA MET A 456 -15.51 -1.16 -8.46
C MET A 456 -16.25 0.14 -8.78
N ALA A 457 -15.74 0.87 -9.76
CA ALA A 457 -16.42 2.06 -10.28
C ALA A 457 -17.52 1.67 -11.26
N LEU A 458 -17.32 0.55 -11.95
CA LEU A 458 -18.27 0.07 -12.95
C LEU A 458 -19.55 -0.46 -12.31
N ALA A 459 -19.40 -1.24 -11.25
CA ALA A 459 -20.55 -1.81 -10.55
C ALA A 459 -21.36 -0.73 -9.86
N SER A 460 -20.69 0.36 -9.49
CA SER A 460 -21.35 1.48 -8.83
C SER A 460 -21.83 2.51 -9.85
N SER A 461 -21.59 2.23 -11.13
CA SER A 461 -22.04 3.10 -12.20
C SER A 461 -23.52 2.86 -12.50
N SER A 462 -24.10 1.88 -11.85
CA SER A 462 -25.50 1.53 -12.04
C SER A 462 -26.40 2.43 -11.21
N MET A 463 -25.78 3.35 -10.47
CA MET A 463 -26.52 4.29 -9.62
C MET A 463 -26.13 5.72 -9.94
N LYS A 464 -27.06 6.65 -9.76
CA LYS A 464 -26.81 8.06 -10.07
C LYS A 464 -27.03 8.97 -8.85
N PHE A 465 -25.94 9.56 -8.37
CA PHE A 465 -25.96 10.38 -7.17
C PHE A 465 -26.05 11.88 -7.44
N ASN A 466 -26.12 12.27 -8.71
CA ASN A 466 -26.14 13.70 -9.06
C ASN A 466 -27.53 14.24 -9.41
N ALA A 467 -27.76 15.50 -9.02
CA ALA A 467 -29.00 16.22 -9.31
C ALA A 467 -28.92 16.88 -10.68
N PRO A 468 -30.08 17.25 -11.26
CA PRO A 468 -30.11 17.90 -12.58
C PRO A 468 -29.24 19.15 -12.71
N ASP A 469 -29.13 19.96 -11.66
CA ASP A 469 -28.27 21.14 -11.72
C ASP A 469 -26.80 20.73 -11.70
N GLU A 470 -26.52 19.62 -11.03
CA GLU A 470 -25.18 19.04 -11.03
C GLU A 470 -24.96 18.20 -12.29
N GLU A 471 -26.07 17.79 -12.91
CA GLU A 471 -26.02 16.91 -14.07
C GLU A 471 -25.44 17.60 -15.30
N ASN A 472 -25.90 18.83 -15.55
CA ASN A 472 -25.44 19.57 -16.72
C ASN A 472 -24.25 20.47 -16.44
N MET A 473 -23.86 20.57 -15.17
CA MET A 473 -22.75 21.44 -14.79
C MET A 473 -21.41 20.77 -15.08
N VAL A 474 -21.40 19.44 -15.08
CA VAL A 474 -20.16 18.71 -15.28
C VAL A 474 -19.72 18.69 -16.75
N ASN A 475 -20.67 18.71 -17.67
CA ASN A 475 -20.32 18.72 -19.09
C ASN A 475 -20.31 20.13 -19.68
N LYS A 476 -20.68 21.12 -18.87
CA LYS A 476 -20.52 22.52 -19.26
C LYS A 476 -19.07 22.97 -19.01
N VAL A 477 -18.45 22.39 -17.99
CA VAL A 477 -17.07 22.70 -17.65
C VAL A 477 -16.16 21.69 -18.37
N PHE A 478 -16.79 20.74 -19.05
CA PHE A 478 -16.08 19.70 -19.79
C PHE A 478 -15.72 20.15 -21.20
N GLU A 479 -16.36 21.21 -21.68
CA GLU A 479 -16.19 21.65 -23.05
C GLU A 479 -15.00 22.58 -23.24
N ASN A 480 -14.39 23.00 -22.13
CA ASN A 480 -13.26 23.92 -22.19
C ASN A 480 -11.97 23.24 -22.65
N ALA A 481 -11.85 21.94 -22.35
CA ALA A 481 -10.63 21.21 -22.68
C ALA A 481 -10.64 20.68 -24.11
N LEU A 482 -11.80 20.77 -24.77
CA LEU A 482 -11.92 20.31 -26.15
C LEU A 482 -11.17 21.24 -27.10
N ALA A 483 -11.18 22.53 -26.78
CA ALA A 483 -10.45 23.52 -27.55
C ALA A 483 -8.95 23.36 -27.37
N SER A 484 -8.58 22.72 -26.26
CA SER A 484 -7.18 22.46 -25.95
C SER A 484 -6.69 21.16 -26.60
N LEU A 485 -7.60 20.48 -27.29
CA LEU A 485 -7.28 19.20 -27.91
C LEU A 485 -7.59 19.18 -29.40
N SER A 486 -6.96 18.25 -30.11
CA SER A 486 -7.24 18.01 -31.53
C SER A 486 -8.56 17.27 -31.70
N GLU A 487 -9.13 17.35 -32.90
CA GLU A 487 -10.40 16.70 -33.21
C GLU A 487 -10.28 15.18 -33.12
N ASP A 488 -9.13 14.64 -33.49
CA ASP A 488 -8.92 13.19 -33.40
C ASP A 488 -8.74 12.78 -31.94
N ASP A 489 -8.14 13.66 -31.15
CA ASP A 489 -7.87 13.38 -29.75
C ASP A 489 -9.09 13.64 -28.86
N LYS A 490 -10.05 14.39 -29.38
CA LYS A 490 -11.28 14.66 -28.63
C LYS A 490 -12.25 13.49 -28.74
N ASN A 491 -12.03 12.65 -29.74
CA ASN A 491 -12.83 11.44 -29.96
C ASN A 491 -12.20 10.21 -29.30
N LEU A 492 -11.12 10.44 -28.55
CA LEU A 492 -10.40 9.37 -27.86
C LEU A 492 -11.33 8.52 -26.98
N PRO A 493 -11.15 7.18 -27.03
CA PRO A 493 -12.00 6.18 -26.37
C PRO A 493 -12.14 6.36 -24.86
N GLN A 494 -11.06 6.68 -24.17
CA GLN A 494 -11.09 6.83 -22.71
C GLN A 494 -12.04 7.95 -22.29
N ILE A 495 -12.00 9.06 -23.04
CA ILE A 495 -12.82 10.22 -22.72
C ILE A 495 -14.30 9.93 -22.93
N SER A 496 -14.62 9.14 -23.96
CA SER A 496 -16.01 8.82 -24.27
C SER A 496 -16.64 7.91 -23.22
N ASN A 497 -15.80 7.18 -22.48
CA ASN A 497 -16.28 6.35 -21.38
C ASN A 497 -16.58 7.17 -20.13
N ILE A 498 -15.66 8.06 -19.80
CA ILE A 498 -15.70 8.80 -18.54
C ILE A 498 -16.77 9.90 -18.56
N LEU A 499 -17.07 10.42 -19.75
CA LEU A 499 -18.03 11.51 -19.88
C LEU A 499 -19.41 11.19 -19.29
N PRO A 500 -20.03 10.05 -19.66
CA PRO A 500 -21.31 9.75 -19.02
C PRO A 500 -21.16 9.37 -17.55
N LEU A 501 -19.97 8.89 -17.18
CA LEU A 501 -19.70 8.44 -15.82
C LEU A 501 -19.68 9.62 -14.84
N LEU A 502 -19.02 10.70 -15.26
CA LEU A 502 -18.95 11.91 -14.44
C LEU A 502 -20.33 12.55 -14.29
N ARG A 503 -21.19 12.34 -15.28
CA ARG A 503 -22.55 12.86 -15.23
C ARG A 503 -23.35 12.17 -14.13
N LYS A 504 -22.94 10.96 -13.78
CA LYS A 504 -23.61 10.20 -12.71
C LYS A 504 -23.05 10.55 -11.34
N GLY A 505 -21.95 11.30 -11.32
CA GLY A 505 -21.35 11.73 -10.07
C GLY A 505 -20.31 10.79 -9.52
N ILE A 506 -19.71 9.98 -10.40
CA ILE A 506 -18.71 9.02 -9.99
C ILE A 506 -17.35 9.33 -10.63
N GLY A 507 -16.37 9.67 -9.80
CA GLY A 507 -15.03 9.97 -10.28
C GLY A 507 -14.07 8.81 -10.17
N VAL A 508 -13.00 8.86 -10.96
CA VAL A 508 -11.93 7.87 -10.93
C VAL A 508 -10.58 8.55 -11.12
N HIS A 509 -9.61 8.24 -10.26
CA HIS A 509 -8.29 8.86 -10.36
C HIS A 509 -7.14 7.86 -10.19
N HIS A 510 -6.31 7.75 -11.22
CA HIS A 510 -5.10 6.93 -11.15
C HIS A 510 -4.13 7.31 -12.27
N SER A 511 -3.00 6.61 -12.33
CA SER A 511 -1.92 6.96 -13.27
C SER A 511 -2.19 6.55 -14.70
N GLY A 512 -3.22 5.74 -14.90
CA GLY A 512 -3.56 5.26 -16.23
C GLY A 512 -4.51 6.20 -16.94
N LEU A 513 -4.56 7.44 -16.47
CA LEU A 513 -5.47 8.43 -17.03
C LEU A 513 -4.71 9.58 -17.68
N LEU A 514 -5.34 10.22 -18.66
CA LEU A 514 -4.76 11.38 -19.33
C LEU A 514 -4.61 12.54 -18.35
N PRO A 515 -3.43 13.18 -18.33
CA PRO A 515 -3.10 14.28 -17.41
C PRO A 515 -4.11 15.43 -17.45
N ILE A 516 -4.72 15.66 -18.61
CA ILE A 516 -5.76 16.68 -18.71
C ILE A 516 -7.09 16.17 -18.16
N LEU A 517 -7.37 14.89 -18.38
CA LEU A 517 -8.63 14.30 -17.95
C LEU A 517 -8.64 14.11 -16.44
N LYS A 518 -7.54 13.65 -15.89
CA LYS A 518 -7.44 13.42 -14.44
C LYS A 518 -7.40 14.74 -13.68
N GLU A 519 -6.94 15.80 -14.34
CA GLU A 519 -6.85 17.11 -13.70
C GLU A 519 -8.22 17.74 -13.53
N THR A 520 -9.08 17.57 -14.53
CA THR A 520 -10.46 18.05 -14.44
C THR A 520 -11.19 17.29 -13.33
N ILE A 521 -10.91 15.99 -13.22
CA ILE A 521 -11.49 15.16 -12.17
C ILE A 521 -11.01 15.64 -10.80
N GLU A 522 -9.76 16.06 -10.72
CA GLU A 522 -9.21 16.62 -9.49
C GLU A 522 -9.87 17.95 -9.17
N ILE A 523 -10.14 18.73 -10.22
CA ILE A 523 -10.83 20.01 -10.07
C ILE A 523 -12.28 19.81 -9.62
N LEU A 524 -12.98 18.91 -10.31
CA LEU A 524 -14.40 18.66 -10.05
C LEU A 524 -14.65 18.17 -8.63
N PHE A 525 -13.71 17.41 -8.07
CA PHE A 525 -13.85 16.91 -6.71
C PHE A 525 -13.85 18.05 -5.70
N GLN A 526 -12.80 18.87 -5.75
CA GLN A 526 -12.63 19.95 -4.79
C GLN A 526 -13.60 21.09 -5.07
N GLU A 527 -14.27 21.05 -6.22
CA GLU A 527 -15.33 22.00 -6.51
C GLU A 527 -16.67 21.42 -6.05
N GLY A 528 -16.66 20.15 -5.69
CA GLY A 528 -17.83 19.50 -5.10
C GLY A 528 -18.84 18.91 -6.05
N LEU A 529 -18.42 18.65 -7.30
CA LEU A 529 -19.33 18.08 -8.29
C LEU A 529 -19.20 16.55 -8.36
N ILE A 530 -18.30 15.99 -7.56
CA ILE A 530 -18.15 14.55 -7.48
C ILE A 530 -18.19 14.08 -6.02
N LYS A 531 -19.22 13.32 -5.68
CA LYS A 531 -19.40 12.86 -4.30
C LYS A 531 -18.76 11.50 -4.04
N VAL A 532 -18.34 10.82 -5.11
CA VAL A 532 -17.69 9.51 -4.97
C VAL A 532 -16.48 9.40 -5.87
N LEU A 533 -15.33 9.09 -5.29
CA LEU A 533 -14.10 8.98 -6.06
C LEU A 533 -13.38 7.66 -5.78
N PHE A 534 -13.06 6.95 -6.85
CA PHE A 534 -12.23 5.77 -6.75
C PHE A 534 -10.81 6.14 -7.14
N ALA A 535 -9.91 6.18 -6.17
CA ALA A 535 -8.56 6.67 -6.40
C ALA A 535 -7.50 5.66 -6.00
N THR A 536 -6.30 5.84 -6.53
CA THR A 536 -5.17 5.03 -6.13
C THR A 536 -4.39 5.73 -5.03
N GLU A 537 -3.27 5.15 -4.63
CA GLU A 537 -2.46 5.68 -3.54
C GLU A 537 -1.89 7.06 -3.88
N THR A 538 -1.64 7.28 -5.16
CA THR A 538 -1.05 8.52 -5.68
C THR A 538 -1.86 9.75 -5.35
N PHE A 539 -3.15 9.57 -5.18
CA PHE A 539 -4.03 10.68 -4.89
C PHE A 539 -3.72 11.23 -3.51
N SER A 540 -3.33 10.35 -2.60
CA SER A 540 -3.03 10.76 -1.23
C SER A 540 -1.66 11.42 -1.13
N ILE A 541 -0.81 11.22 -2.13
CA ILE A 541 0.50 11.84 -2.16
C ILE A 541 0.41 13.30 -2.62
N GLY A 542 -0.57 13.57 -3.47
CA GLY A 542 -0.70 14.86 -4.11
C GLY A 542 -1.20 15.98 -3.21
N LEU A 543 -1.64 17.06 -3.85
CA LEU A 543 -2.13 18.23 -3.13
C LEU A 543 -3.36 17.87 -2.31
N ASN A 544 -3.59 18.64 -1.25
CA ASN A 544 -4.72 18.41 -0.36
C ASN A 544 -6.04 18.43 -1.11
N MET A 545 -6.79 17.34 -1.01
CA MET A 545 -8.15 17.28 -1.54
C MET A 545 -8.97 16.40 -0.61
N PRO A 546 -9.39 16.96 0.53
CA PRO A 546 -10.02 16.18 1.60
C PRO A 546 -11.44 15.74 1.29
N ALA A 547 -11.93 14.75 2.02
CA ALA A 547 -13.31 14.28 1.87
C ALA A 547 -13.91 13.99 3.23
N ARG A 548 -15.18 13.58 3.25
CA ARG A 548 -15.86 13.23 4.50
C ARG A 548 -15.62 11.77 4.91
N THR A 549 -15.19 10.94 3.96
CA THR A 549 -15.07 9.50 4.22
C THR A 549 -13.89 8.88 3.45
N VAL A 550 -13.17 7.98 4.10
CA VAL A 550 -12.07 7.28 3.46
C VAL A 550 -12.23 5.77 3.62
N VAL A 551 -12.24 5.04 2.51
CA VAL A 551 -12.46 3.59 2.55
C VAL A 551 -11.26 2.80 2.07
N PHE A 552 -10.75 1.92 2.92
CA PHE A 552 -9.66 1.02 2.53
C PHE A 552 -10.24 -0.30 2.03
N THR A 553 -10.08 -0.55 0.73
CA THR A 553 -10.59 -1.77 0.13
C THR A 553 -9.69 -2.97 0.35
N GLN A 554 -8.38 -2.74 0.31
CA GLN A 554 -7.40 -3.79 0.55
C GLN A 554 -6.44 -3.41 1.66
N VAL A 555 -6.23 -4.31 2.62
CA VAL A 555 -5.27 -4.05 3.69
C VAL A 555 -3.84 -4.60 3.43
N THR A 556 -3.67 -5.51 2.46
CA THR A 556 -2.33 -5.96 2.07
C THR A 556 -1.68 -5.01 1.04
N LYS A 557 -0.35 -4.95 1.00
CA LYS A 557 0.33 -4.04 0.07
C LYS A 557 1.33 -4.77 -0.86
N TRP A 558 2.16 -3.99 -1.56
CA TRP A 558 2.61 -4.34 -2.91
C TRP A 558 3.56 -5.52 -3.07
N ASP A 559 3.98 -5.77 -4.31
CA ASP A 559 4.73 -6.98 -4.63
C ASP A 559 6.21 -6.99 -4.25
N GLY A 560 6.84 -5.82 -4.32
CA GLY A 560 8.25 -5.74 -4.66
C GLY A 560 9.17 -6.71 -3.93
N GLN A 561 9.22 -6.66 -2.61
CA GLN A 561 9.75 -7.83 -1.89
C GLN A 561 8.79 -8.65 -1.03
N GLN A 562 7.57 -8.18 -0.76
CA GLN A 562 6.78 -8.90 0.25
C GLN A 562 5.28 -8.74 0.11
N ARG A 563 4.50 -9.70 0.58
CA ARG A 563 3.08 -9.43 0.66
C ARG A 563 3.03 -8.74 1.97
N ARG A 564 2.84 -7.43 1.89
CA ARG A 564 3.15 -6.62 3.05
C ARG A 564 1.90 -5.99 3.62
N PRO A 565 1.65 -6.26 4.90
CA PRO A 565 0.56 -5.60 5.60
C PRO A 565 0.71 -4.09 5.50
N LEU A 566 -0.40 -3.37 5.61
CA LEU A 566 -0.39 -1.93 5.40
C LEU A 566 0.28 -1.24 6.56
N THR A 567 1.34 -0.49 6.28
CA THR A 567 2.13 0.16 7.32
C THR A 567 1.36 1.33 7.93
N SER A 568 1.73 1.69 9.15
CA SER A 568 1.02 2.73 9.89
C SER A 568 1.09 4.09 9.20
N SER A 569 2.22 4.37 8.56
CA SER A 569 2.44 5.67 7.92
C SER A 569 1.49 5.90 6.76
N GLU A 570 1.23 4.85 5.99
CA GLU A 570 0.30 4.93 4.86
C GLU A 570 -1.12 5.16 5.36
N TYR A 571 -1.44 4.54 6.50
CA TYR A 571 -2.76 4.67 7.11
C TYR A 571 -3.05 6.11 7.49
N ILE A 572 -2.10 6.75 8.16
CA ILE A 572 -2.25 8.12 8.62
C ILE A 572 -2.39 9.08 7.43
N GLN A 573 -1.64 8.83 6.37
CA GLN A 573 -1.64 9.71 5.20
C GLN A 573 -2.95 9.65 4.42
N MET A 574 -3.46 8.44 4.21
CA MET A 574 -4.69 8.27 3.43
C MET A 574 -5.93 8.65 4.23
N ALA A 575 -5.96 8.26 5.50
CA ALA A 575 -7.09 8.57 6.36
C ALA A 575 -7.11 10.04 6.74
N GLY A 576 -5.99 10.72 6.51
CA GLY A 576 -5.91 12.16 6.76
C GLY A 576 -6.74 12.94 5.76
N ARG A 577 -7.12 12.28 4.67
CA ARG A 577 -7.96 12.89 3.65
C ARG A 577 -9.39 13.07 4.14
N ALA A 578 -9.79 12.27 5.12
CA ALA A 578 -11.13 12.37 5.70
C ALA A 578 -11.25 13.66 6.51
N GLY A 579 -12.49 14.07 6.81
CA GLY A 579 -12.69 15.19 7.71
C GLY A 579 -12.41 16.63 7.32
N ARG A 580 -13.16 17.19 6.37
CA ARG A 580 -12.99 18.60 6.06
C ARG A 580 -13.40 19.46 7.26
N ARG A 581 -13.39 20.77 7.09
CA ARG A 581 -13.46 21.69 8.22
C ARG A 581 -14.83 21.71 8.87
N GLY A 582 -15.77 22.31 8.13
CA GLY A 582 -17.01 22.85 8.68
C GLY A 582 -18.25 22.00 8.50
N LEU A 583 -18.14 20.96 7.67
CA LEU A 583 -19.21 19.99 7.51
C LEU A 583 -19.10 18.70 8.33
N ASP A 584 -17.94 18.47 8.95
CA ASP A 584 -17.69 17.21 9.64
C ASP A 584 -17.53 17.36 11.15
N ASP A 585 -18.56 16.87 11.86
CA ASP A 585 -18.48 16.51 13.27
C ASP A 585 -17.47 15.36 13.41
N ARG A 586 -17.40 14.52 12.38
CA ARG A 586 -16.53 13.36 12.38
C ARG A 586 -16.11 12.89 11.00
N GLY A 587 -14.95 12.26 10.93
CA GLY A 587 -14.52 11.54 9.75
C GLY A 587 -14.89 10.07 9.85
N ILE A 588 -15.06 9.43 8.70
CA ILE A 588 -15.47 8.02 8.63
C ILE A 588 -14.46 7.17 7.86
N VAL A 589 -13.84 6.22 8.55
CA VAL A 589 -12.86 5.35 7.90
C VAL A 589 -13.26 3.88 7.94
N ILE A 590 -13.38 3.27 6.77
CA ILE A 590 -13.81 1.88 6.66
C ILE A 590 -12.73 1.01 6.04
N MET A 591 -12.50 -0.16 6.63
CA MET A 591 -11.49 -1.10 6.14
C MET A 591 -12.04 -2.51 6.03
N MET A 592 -11.76 -3.17 4.91
CA MET A 592 -12.18 -4.56 4.73
C MET A 592 -11.06 -5.49 5.16
N VAL A 593 -11.39 -6.52 5.93
CA VAL A 593 -10.35 -7.36 6.52
C VAL A 593 -10.48 -8.86 6.26
N ASP A 594 -9.52 -9.40 5.52
CA ASP A 594 -9.26 -10.83 5.38
C ASP A 594 -7.74 -10.95 5.33
N ASP A 595 -7.18 -12.09 5.73
CA ASP A 595 -5.71 -12.20 5.84
C ASP A 595 -5.20 -13.56 5.37
N LYS A 596 -3.92 -13.66 5.04
CA LYS A 596 -3.41 -14.96 4.60
C LYS A 596 -2.54 -15.83 5.54
N LEU A 597 -2.17 -15.38 6.74
CA LEU A 597 -1.76 -16.40 7.71
C LEU A 597 -2.45 -16.27 9.08
N GLU A 598 -2.01 -15.35 9.94
CA GLU A 598 -2.63 -15.23 11.27
C GLU A 598 -2.80 -13.76 11.69
N PRO A 599 -3.90 -13.47 12.41
CA PRO A 599 -4.48 -12.13 12.57
C PRO A 599 -3.73 -11.10 13.40
N GLU A 600 -2.95 -11.50 14.40
CA GLU A 600 -2.50 -10.56 15.45
C GLU A 600 -1.97 -9.25 14.89
N THR A 601 -1.40 -9.34 13.69
CA THR A 601 -1.04 -8.19 12.87
C THR A 601 -2.20 -7.20 12.64
N ALA A 602 -3.39 -7.73 12.34
CA ALA A 602 -4.55 -6.92 11.96
C ALA A 602 -4.90 -5.89 13.02
N ARG A 603 -4.68 -6.23 14.29
CA ARG A 603 -4.87 -5.30 15.38
C ARG A 603 -3.83 -4.18 15.30
N ALA A 604 -2.60 -4.56 14.99
CA ALA A 604 -1.44 -3.67 15.09
C ALA A 604 -1.44 -2.50 14.10
N ILE A 605 -2.14 -2.65 12.99
CA ILE A 605 -2.13 -1.60 11.96
C ILE A 605 -2.69 -0.27 12.49
N VAL A 606 -3.94 -0.30 12.92
CA VAL A 606 -4.58 0.90 13.49
C VAL A 606 -4.26 1.08 14.98
N VAL A 607 -4.30 0.00 15.76
CA VAL A 607 -4.22 0.09 17.22
C VAL A 607 -2.79 0.28 17.73
N GLY A 608 -1.86 -0.47 17.16
CA GLY A 608 -0.49 -0.48 17.64
C GLY A 608 0.28 0.79 17.36
N ASN A 609 1.58 0.75 17.65
CA ASN A 609 2.44 1.91 17.44
C ASN A 609 2.72 2.14 15.96
N GLN A 610 3.46 3.20 15.66
CA GLN A 610 3.84 3.49 14.29
C GLN A 610 5.09 2.71 13.95
N ASP A 611 5.54 2.81 12.71
CA ASP A 611 6.72 2.11 12.26
C ASP A 611 7.83 3.09 11.93
N LYS A 612 9.07 2.65 12.09
CA LYS A 612 10.22 3.50 11.78
C LYS A 612 10.22 3.79 10.29
N LEU A 613 10.83 4.89 9.89
CA LEU A 613 10.93 5.20 8.48
C LEU A 613 12.21 4.52 8.03
N ASN A 614 12.06 3.45 7.26
CA ASN A 614 13.17 2.57 6.96
C ASN A 614 13.79 2.94 5.63
N SER A 615 15.12 3.01 5.62
CA SER A 615 15.84 3.32 4.39
C SER A 615 15.80 2.14 3.44
N ALA A 616 15.39 2.40 2.21
CA ALA A 616 15.34 1.39 1.16
C ALA A 616 16.65 1.37 0.39
N PHE A 617 17.62 2.14 0.87
CA PHE A 617 18.91 2.31 0.21
C PHE A 617 19.56 0.98 -0.10
N HIS A 618 19.95 0.79 -1.36
CA HIS A 618 20.57 -0.45 -1.80
C HIS A 618 21.49 -0.19 -2.99
N LEU A 619 22.50 -1.03 -3.16
CA LEU A 619 23.47 -0.86 -4.23
C LEU A 619 22.85 -1.06 -5.61
N GLY A 620 23.49 -0.48 -6.62
CA GLY A 620 23.05 -0.63 -8.00
C GLY A 620 24.22 -0.51 -8.95
N TYR A 621 24.07 -1.06 -10.15
CA TYR A 621 25.12 -1.04 -11.15
C TYR A 621 25.42 0.37 -11.62
N ASN A 622 24.36 1.14 -11.88
CA ASN A 622 24.50 2.53 -12.29
C ASN A 622 25.11 3.37 -11.19
N MET A 623 24.84 2.98 -9.94
CA MET A 623 25.29 3.73 -8.77
C MET A 623 26.77 3.53 -8.45
N VAL A 624 27.22 2.28 -8.47
CA VAL A 624 28.60 1.96 -8.09
C VAL A 624 29.60 2.49 -9.09
N LEU A 625 29.18 2.62 -10.34
CA LEU A 625 30.05 3.14 -11.39
C LEU A 625 30.16 4.65 -11.33
N ASN A 626 29.05 5.32 -11.01
CA ASN A 626 29.06 6.76 -10.85
C ASN A 626 29.91 7.19 -9.66
N LEU A 627 29.96 6.35 -8.63
CA LEU A 627 30.77 6.62 -7.46
C LEU A 627 32.24 6.32 -7.73
N LEU A 628 32.49 5.26 -8.50
CA LEU A 628 33.85 4.92 -8.91
C LEU A 628 34.34 5.83 -10.02
N ARG A 629 33.43 6.64 -10.55
CA ARG A 629 33.75 7.54 -11.66
C ARG A 629 34.54 8.74 -11.15
N ILE A 630 33.92 9.53 -10.29
CA ILE A 630 34.59 10.70 -9.70
C ILE A 630 35.70 10.27 -8.74
N GLU A 631 36.87 10.90 -8.91
CA GLU A 631 38.05 10.60 -8.09
C GLU A 631 37.86 10.94 -6.61
N ALA A 632 37.19 12.06 -6.35
CA ALA A 632 37.09 12.59 -5.00
C ALA A 632 36.28 11.70 -4.05
N ILE A 633 35.46 10.82 -4.61
CA ILE A 633 34.53 10.02 -3.82
C ILE A 633 34.57 8.55 -4.22
N SER A 634 34.42 7.68 -3.23
CA SER A 634 34.38 6.24 -3.45
C SER A 634 33.00 5.69 -3.08
N PRO A 635 32.63 4.52 -3.61
CA PRO A 635 31.32 3.95 -3.28
C PRO A 635 31.12 3.73 -1.77
N GLU A 636 32.22 3.57 -1.05
CA GLU A 636 32.15 3.39 0.40
C GLU A 636 31.78 4.70 1.10
N TYR A 637 32.07 5.82 0.45
CA TYR A 637 31.77 7.13 1.01
C TYR A 637 30.28 7.33 1.19
N MET A 638 29.49 6.88 0.21
CA MET A 638 28.04 7.02 0.27
C MET A 638 27.43 6.08 1.31
N LEU A 639 27.97 4.87 1.40
CA LEU A 639 27.50 3.89 2.39
C LEU A 639 27.70 4.38 3.81
N GLU A 640 28.73 5.19 4.02
CA GLU A 640 28.99 5.77 5.33
C GLU A 640 27.91 6.78 5.73
N ARG A 641 27.53 7.61 4.77
CA ARG A 641 26.61 8.71 5.04
C ARG A 641 25.17 8.34 4.71
N CYS A 642 24.94 7.12 4.24
CA CYS A 642 23.60 6.68 3.92
C CYS A 642 22.75 6.62 5.19
N PHE A 643 21.47 6.94 5.05
CA PHE A 643 20.58 7.05 6.20
C PHE A 643 20.38 5.71 6.91
N PHE A 644 20.56 4.62 6.19
CA PHE A 644 20.43 3.28 6.76
C PHE A 644 21.52 3.04 7.80
N GLN A 645 22.73 3.47 7.49
CA GLN A 645 23.85 3.34 8.42
C GLN A 645 23.64 4.23 9.65
N PHE A 646 23.11 5.42 9.41
CA PHE A 646 22.88 6.39 10.48
C PHE A 646 21.85 5.87 11.48
N GLN A 647 20.81 5.22 10.96
CA GLN A 647 19.82 4.55 11.79
C GLN A 647 20.46 3.54 12.72
N ASN A 648 21.04 2.50 12.11
CA ASN A 648 21.63 1.37 12.83
C ASN A 648 22.63 1.76 13.93
N ALA A 649 23.45 2.77 13.66
CA ALA A 649 24.48 3.19 14.60
C ALA A 649 23.88 3.78 15.87
N ALA A 650 22.86 4.62 15.72
CA ALA A 650 22.23 5.27 16.85
C ALA A 650 21.13 4.44 17.49
N SER A 651 20.69 3.40 16.78
CA SER A 651 19.62 2.54 17.29
C SER A 651 20.12 1.49 18.27
N VAL A 652 21.25 0.87 17.96
CA VAL A 652 21.75 -0.27 18.73
C VAL A 652 22.05 0.01 20.22
N PRO A 653 22.63 1.19 20.57
CA PRO A 653 22.83 1.33 22.02
C PRO A 653 21.50 1.48 22.76
N GLN A 654 20.54 2.11 22.11
CA GLN A 654 19.21 2.28 22.66
C GLN A 654 18.42 0.97 22.57
N LEU A 655 18.67 0.21 21.51
CA LEU A 655 17.99 -1.06 21.29
C LEU A 655 18.33 -2.08 22.37
N GLU A 656 19.47 -1.87 23.03
CA GLU A 656 19.90 -2.73 24.13
C GLU A 656 19.02 -2.50 25.36
N ARG A 657 18.60 -1.26 25.56
CA ARG A 657 17.71 -0.92 26.66
C ARG A 657 16.30 -1.42 26.37
N GLU A 658 15.96 -1.52 25.10
CA GLU A 658 14.66 -2.03 24.67
C GLU A 658 14.45 -3.46 25.14
N LEU A 659 15.54 -4.23 25.16
CA LEU A 659 15.48 -5.63 25.55
C LEU A 659 15.34 -5.82 27.05
N ILE A 660 16.18 -5.12 27.82
CA ILE A 660 16.23 -5.32 29.26
C ILE A 660 14.96 -4.81 29.95
N SER A 661 14.28 -3.85 29.34
CA SER A 661 13.02 -3.35 29.87
C SER A 661 11.91 -4.35 29.59
N LEU A 662 11.98 -4.99 28.43
CA LEU A 662 11.03 -6.03 28.05
C LEU A 662 11.23 -7.28 28.90
N GLN A 663 12.48 -7.54 29.28
CA GLN A 663 12.81 -8.71 30.07
C GLN A 663 12.35 -8.58 31.52
N GLN A 664 12.27 -7.35 32.00
CA GLN A 664 11.80 -7.09 33.36
C GLN A 664 10.33 -7.47 33.53
N GLU A 665 9.52 -7.06 32.55
CA GLU A 665 8.07 -7.28 32.63
C GLU A 665 7.70 -8.75 32.69
N ARG A 666 8.32 -9.57 31.82
CA ARG A 666 8.04 -11.00 31.82
C ARG A 666 8.57 -11.65 33.09
N ASP A 667 9.61 -11.07 33.66
CA ASP A 667 10.14 -11.53 34.93
C ASP A 667 9.33 -10.99 36.11
N ALA A 668 8.81 -9.78 35.97
CA ALA A 668 8.01 -9.15 37.01
C ALA A 668 6.68 -9.88 37.19
N ILE A 669 6.19 -10.49 36.12
CA ILE A 669 4.98 -11.28 36.22
C ILE A 669 5.33 -12.62 36.85
N ILE A 670 4.76 -12.89 38.02
CA ILE A 670 5.07 -14.10 38.74
C ILE A 670 3.83 -15.00 38.82
N ILE A 671 3.89 -16.10 38.10
CA ILE A 671 2.78 -17.04 38.04
C ILE A 671 3.04 -18.24 38.96
N PRO A 672 2.06 -18.57 39.80
CA PRO A 672 2.18 -19.78 40.64
C PRO A 672 2.27 -21.02 39.74
N ASP A 673 3.27 -21.86 40.00
CA ASP A 673 3.55 -23.02 39.16
C ASP A 673 3.72 -22.61 37.70
N GLU A 674 4.83 -21.93 37.42
CA GLU A 674 5.12 -21.39 36.09
C GLU A 674 5.25 -22.45 34.99
N SER A 675 5.39 -23.71 35.41
CA SER A 675 5.68 -24.81 34.49
C SER A 675 4.43 -25.52 33.97
N ILE A 676 3.69 -26.12 34.90
CA ILE A 676 2.52 -26.95 34.59
C ILE A 676 1.59 -26.27 33.58
N VAL A 677 1.43 -24.97 33.73
CA VAL A 677 0.61 -24.17 32.82
C VAL A 677 1.15 -24.19 31.38
N LYS A 678 2.46 -24.00 31.22
CA LYS A 678 3.09 -24.03 29.90
C LYS A 678 2.80 -25.37 29.22
N ASP A 679 2.54 -26.39 30.02
CA ASP A 679 2.24 -27.72 29.51
C ASP A 679 0.74 -27.96 29.41
N TYR A 680 -0.06 -26.98 29.84
CA TYR A 680 -1.51 -27.05 29.67
C TYR A 680 -1.92 -26.29 28.42
N TYR A 681 -1.67 -24.98 28.41
CA TYR A 681 -1.89 -24.17 27.21
C TYR A 681 -1.14 -24.74 26.02
N GLY A 682 0.03 -25.31 26.28
CA GLY A 682 0.84 -25.94 25.25
C GLY A 682 0.11 -27.09 24.60
N VAL A 683 -0.51 -27.94 25.41
CA VAL A 683 -1.25 -29.08 24.89
C VAL A 683 -2.71 -28.71 24.61
N ARG A 684 -3.13 -27.53 25.06
CA ARG A 684 -4.47 -27.05 24.79
C ARG A 684 -4.61 -26.72 23.31
N GLN A 685 -3.67 -25.92 22.81
CA GLN A 685 -3.65 -25.57 21.40
C GLN A 685 -3.21 -26.75 20.54
N GLN A 686 -2.69 -27.79 21.19
CA GLN A 686 -2.24 -28.98 20.47
C GLN A 686 -3.42 -29.89 20.12
N LEU A 687 -4.35 -30.05 21.06
CA LEU A 687 -5.52 -30.89 20.85
C LEU A 687 -6.59 -30.19 20.02
N GLU A 688 -6.83 -28.91 20.32
CA GLU A 688 -7.83 -28.12 19.60
C GLU A 688 -7.48 -27.99 18.12
N GLU A 689 -6.18 -28.06 17.83
CA GLU A 689 -5.69 -28.00 16.46
C GLU A 689 -5.77 -29.35 15.74
N TYR A 690 -5.40 -30.41 16.44
CA TYR A 690 -5.29 -31.73 15.81
C TYR A 690 -6.63 -32.43 15.63
N ASN A 691 -7.66 -31.96 16.34
CA ASN A 691 -8.99 -32.50 16.14
C ASN A 691 -9.65 -31.89 14.91
N LYS A 692 -9.13 -30.73 14.49
CA LYS A 692 -9.58 -30.09 13.25
C LYS A 692 -9.17 -30.93 12.05
N ASP A 693 -8.09 -31.68 12.22
CA ASP A 693 -7.59 -32.55 11.17
C ASP A 693 -8.45 -33.82 11.07
N MET A 694 -9.10 -34.19 12.17
CA MET A 694 -9.95 -35.38 12.17
C MET A 694 -11.26 -35.14 11.43
N VAL A 695 -11.93 -34.03 11.74
CA VAL A 695 -13.21 -33.72 11.11
C VAL A 695 -13.02 -33.37 9.64
N PHE A 696 -11.84 -32.85 9.30
CA PHE A 696 -11.55 -32.46 7.93
C PHE A 696 -11.50 -33.67 7.00
N VAL A 697 -10.92 -34.76 7.48
CA VAL A 697 -10.86 -36.00 6.72
C VAL A 697 -12.27 -36.61 6.63
N ILE A 698 -13.03 -36.50 7.72
CA ILE A 698 -14.39 -37.00 7.76
C ILE A 698 -15.31 -36.21 6.82
N GLN A 699 -15.19 -34.89 6.85
CA GLN A 699 -15.99 -34.03 5.99
C GLN A 699 -15.74 -34.31 4.52
N HIS A 700 -14.54 -34.80 4.20
CA HIS A 700 -14.19 -35.14 2.83
C HIS A 700 -15.05 -36.30 2.35
N PRO A 701 -15.58 -36.18 1.12
CA PRO A 701 -16.49 -37.15 0.49
C PRO A 701 -15.94 -38.57 0.38
N GLN A 702 -14.63 -38.74 0.54
CA GLN A 702 -14.03 -40.07 0.54
C GLN A 702 -14.62 -40.99 1.61
N ASN A 703 -15.13 -40.40 2.67
CA ASN A 703 -15.60 -41.17 3.82
C ASN A 703 -17.10 -41.02 4.08
N CYS A 704 -17.53 -39.81 4.40
CA CYS A 704 -18.90 -39.55 4.85
C CYS A 704 -19.98 -39.76 3.78
N LEU A 705 -19.63 -39.57 2.51
CA LEU A 705 -20.60 -39.59 1.43
C LEU A 705 -21.43 -40.87 1.35
N GLY A 706 -20.77 -42.02 1.52
CA GLY A 706 -21.45 -43.30 1.46
C GLY A 706 -22.49 -43.47 2.55
N PHE A 707 -22.35 -42.68 3.61
CA PHE A 707 -23.27 -42.73 4.73
C PHE A 707 -24.38 -41.69 4.64
N PHE A 708 -24.48 -40.99 3.50
CA PHE A 708 -25.56 -40.03 3.34
C PHE A 708 -26.82 -40.73 2.86
N GLN A 709 -27.84 -40.72 3.71
CA GLN A 709 -29.13 -41.31 3.39
C GLN A 709 -30.22 -40.36 3.84
N GLU A 710 -31.33 -40.33 3.10
CA GLU A 710 -32.43 -39.45 3.42
C GLU A 710 -32.96 -39.77 4.82
N GLY A 711 -33.01 -38.75 5.67
CA GLY A 711 -33.53 -38.91 7.01
C GLY A 711 -32.49 -39.23 8.06
N ARG A 712 -31.24 -39.40 7.65
CA ARG A 712 -30.18 -39.67 8.62
C ARG A 712 -29.93 -38.46 9.51
N LEU A 713 -29.89 -38.68 10.81
CA LEU A 713 -29.63 -37.62 11.77
C LEU A 713 -28.25 -37.04 11.54
N ILE A 714 -28.15 -35.71 11.54
CA ILE A 714 -26.90 -35.03 11.22
C ILE A 714 -26.62 -33.91 12.21
N HIS A 715 -25.35 -33.70 12.53
CA HIS A 715 -24.95 -32.60 13.40
C HIS A 715 -24.29 -31.50 12.60
N ILE A 716 -24.89 -30.31 12.65
CA ILE A 716 -24.40 -29.18 11.85
C ILE A 716 -23.81 -28.08 12.71
N LYS A 717 -22.53 -27.79 12.48
CA LYS A 717 -21.85 -26.70 13.17
C LYS A 717 -21.00 -25.92 12.19
N SER A 718 -21.24 -24.61 12.10
CA SER A 718 -20.51 -23.74 11.18
C SER A 718 -19.00 -23.76 11.48
N PRO A 719 -18.18 -23.63 10.42
CA PRO A 719 -16.71 -23.60 10.52
C PRO A 719 -16.20 -22.59 11.53
N SER A 720 -16.96 -21.53 11.78
CA SER A 720 -16.59 -20.53 12.78
C SER A 720 -16.66 -21.12 14.19
N GLY A 721 -17.39 -22.21 14.34
CA GLY A 721 -17.53 -22.87 15.63
C GLY A 721 -18.88 -22.64 16.29
N VAL A 722 -19.76 -21.92 15.61
CA VAL A 722 -21.09 -21.67 16.14
C VAL A 722 -22.02 -22.84 15.78
N ASP A 723 -22.78 -23.30 16.77
CA ASP A 723 -23.58 -24.51 16.63
C ASP A 723 -25.03 -24.21 16.29
N TYR A 724 -25.46 -24.68 15.11
CA TYR A 724 -26.84 -24.52 14.67
C TYR A 724 -27.72 -25.59 15.29
N GLY A 725 -27.10 -26.46 16.09
CA GLY A 725 -27.81 -27.51 16.79
C GLY A 725 -27.82 -28.81 16.00
N TRP A 726 -28.56 -29.79 16.48
CA TRP A 726 -28.69 -31.05 15.76
C TRP A 726 -29.61 -30.88 14.55
N GLY A 727 -29.77 -31.95 13.78
CA GLY A 727 -30.58 -31.91 12.59
C GLY A 727 -30.74 -33.24 11.90
N VAL A 728 -31.49 -33.26 10.81
CA VAL A 728 -31.72 -34.48 10.05
C VAL A 728 -31.55 -34.23 8.56
N LEU A 729 -30.76 -35.10 7.92
CA LEU A 729 -30.48 -34.97 6.49
C LEU A 729 -31.74 -35.11 5.65
N ILE A 730 -32.01 -34.12 4.81
CA ILE A 730 -33.16 -34.15 3.92
C ILE A 730 -32.73 -34.62 2.54
N LYS A 731 -31.87 -33.86 1.89
CA LYS A 731 -31.37 -34.19 0.57
C LYS A 731 -29.95 -33.65 0.37
N HIS A 732 -29.11 -34.40 -0.35
CA HIS A 732 -27.78 -33.92 -0.68
C HIS A 732 -27.63 -33.78 -2.19
N ILE A 733 -27.10 -32.65 -2.63
CA ILE A 733 -26.88 -32.39 -4.05
C ILE A 733 -25.54 -31.70 -4.29
N GLN A 734 -24.81 -32.19 -5.29
CA GLN A 734 -23.54 -31.60 -5.69
C GLN A 734 -23.80 -30.44 -6.65
N ARG A 735 -23.23 -29.27 -6.35
CA ARG A 735 -23.37 -28.13 -7.24
C ARG A 735 -22.32 -28.21 -8.34
N GLN A 736 -22.79 -28.24 -9.59
CA GLN A 736 -21.92 -28.39 -10.73
C GLN A 736 -21.92 -27.13 -11.59
N THR A 737 -20.73 -26.73 -12.05
CA THR A 737 -20.60 -25.65 -13.03
C THR A 737 -21.27 -24.32 -12.64
N PRO A 738 -20.64 -23.55 -11.73
CA PRO A 738 -21.15 -22.19 -11.45
C PRO A 738 -21.11 -21.33 -12.72
N LYS A 739 -21.65 -20.11 -12.68
CA LYS A 739 -21.71 -19.33 -13.91
C LYS A 739 -20.31 -19.02 -14.49
N ASN A 740 -19.60 -18.04 -13.96
CA ASN A 740 -18.21 -17.82 -14.33
C ASN A 740 -17.24 -17.47 -13.20
N GLY A 741 -17.45 -16.30 -12.61
CA GLY A 741 -16.44 -15.56 -11.88
C GLY A 741 -15.57 -16.23 -10.85
N GLN A 742 -16.17 -16.85 -9.85
CA GLN A 742 -15.42 -17.48 -8.78
C GLN A 742 -14.72 -18.73 -9.30
N PRO A 743 -13.46 -18.94 -8.87
CA PRO A 743 -12.72 -20.16 -9.21
C PRO A 743 -13.49 -21.41 -8.77
N PRO A 744 -13.43 -22.48 -9.57
CA PRO A 744 -14.17 -23.73 -9.32
C PRO A 744 -13.95 -24.30 -7.92
N TYR A 745 -14.97 -24.96 -7.39
CA TYR A 745 -15.01 -25.40 -6.00
C TYR A 745 -14.02 -26.51 -5.65
N PRO A 746 -13.41 -26.41 -4.46
CA PRO A 746 -12.69 -27.53 -3.84
C PRO A 746 -13.70 -28.54 -3.33
N GLU A 747 -13.36 -29.83 -3.40
CA GLU A 747 -14.33 -30.89 -3.12
C GLU A 747 -14.78 -30.97 -1.66
N GLN A 748 -14.13 -30.21 -0.79
CA GLN A 748 -14.55 -30.12 0.60
C GLN A 748 -15.85 -29.33 0.70
N GLU A 749 -15.87 -28.19 0.02
CA GLU A 749 -17.02 -27.30 0.01
C GLU A 749 -17.91 -27.52 -1.22
N SER A 750 -17.55 -28.49 -2.06
CA SER A 750 -18.24 -28.68 -3.33
C SER A 750 -19.70 -29.09 -3.17
N TYR A 751 -19.95 -30.17 -2.43
CA TYR A 751 -21.33 -30.66 -2.28
C TYR A 751 -22.18 -29.72 -1.43
N VAL A 752 -23.50 -29.78 -1.63
CA VAL A 752 -24.44 -28.98 -0.86
C VAL A 752 -25.49 -29.87 -0.19
N LEU A 753 -25.54 -29.82 1.14
CA LEU A 753 -26.43 -30.68 1.90
C LEU A 753 -27.64 -29.92 2.44
N ASP A 754 -28.83 -30.31 2.00
CA ASP A 754 -30.06 -29.75 2.55
C ASP A 754 -30.35 -30.43 3.89
N VAL A 755 -30.42 -29.64 4.95
CA VAL A 755 -30.52 -30.18 6.30
C VAL A 755 -31.52 -29.42 7.18
N LEU A 756 -32.36 -30.17 7.88
CA LEU A 756 -33.40 -29.58 8.73
C LEU A 756 -32.82 -29.08 10.05
N LEU A 757 -33.00 -27.79 10.32
CA LEU A 757 -32.48 -27.17 11.54
C LEU A 757 -33.56 -26.35 12.25
N LYS A 758 -33.40 -26.17 13.56
CA LYS A 758 -34.38 -25.47 14.39
C LYS A 758 -34.10 -23.97 14.47
N VAL A 759 -33.12 -23.51 13.70
CA VAL A 759 -32.68 -22.11 13.69
C VAL A 759 -33.64 -21.13 13.02
N SER A 760 -33.42 -19.84 13.29
CA SER A 760 -34.29 -18.71 12.93
C SER A 760 -33.46 -17.55 12.37
N GLY A 761 -34.03 -16.35 12.34
CA GLY A 761 -33.37 -15.21 11.74
C GLY A 761 -34.04 -14.75 10.44
N ASP A 762 -33.34 -13.92 9.66
CA ASP A 762 -33.90 -13.42 8.40
C ASP A 762 -34.39 -14.63 7.62
N PHE A 763 -35.66 -14.61 7.28
CA PHE A 763 -36.38 -15.82 6.91
C PHE A 763 -36.14 -16.26 5.48
N ASN A 764 -36.00 -15.28 4.58
CA ASN A 764 -36.07 -15.54 3.15
C ASN A 764 -34.97 -16.34 2.47
N PRO A 765 -33.68 -16.07 2.79
CA PRO A 765 -32.70 -16.16 1.68
C PRO A 765 -32.58 -17.51 1.00
N LYS A 766 -33.64 -17.81 0.24
CA LYS A 766 -33.73 -18.99 -0.61
C LYS A 766 -32.77 -18.93 -1.79
N THR A 767 -32.55 -17.74 -2.36
CA THR A 767 -31.43 -17.63 -3.27
C THR A 767 -30.23 -17.51 -2.37
N ARG A 768 -29.36 -18.50 -2.42
CA ARG A 768 -28.37 -18.61 -1.37
C ARG A 768 -27.00 -18.23 -1.87
N GLY A 769 -26.38 -17.30 -1.14
CA GLY A 769 -25.02 -16.89 -1.43
C GLY A 769 -24.11 -18.10 -1.33
N GLU A 770 -22.98 -18.04 -2.00
CA GLU A 770 -22.08 -19.18 -2.09
C GLU A 770 -21.40 -19.45 -0.75
N GLY A 771 -21.66 -18.59 0.23
CA GLY A 771 -21.23 -18.82 1.59
C GLY A 771 -21.87 -20.07 2.18
N PRO A 772 -21.41 -20.49 3.37
CA PRO A 772 -21.77 -21.77 3.99
C PRO A 772 -23.28 -22.00 4.14
N MET A 773 -24.00 -21.00 4.62
CA MET A 773 -25.43 -21.14 4.90
C MET A 773 -26.21 -19.88 4.50
N PRO A 774 -27.53 -20.02 4.28
CA PRO A 774 -28.42 -18.85 4.15
C PRO A 774 -28.30 -18.03 5.43
N GLU A 775 -28.47 -16.71 5.40
CA GLU A 775 -28.12 -16.00 6.62
C GLU A 775 -29.23 -16.23 7.64
N GLY A 776 -28.91 -17.05 8.63
CA GLY A 776 -29.82 -17.34 9.71
C GLY A 776 -29.32 -16.90 11.07
N ILE A 777 -30.06 -17.30 12.10
CA ILE A 777 -29.62 -17.18 13.48
C ILE A 777 -30.08 -18.42 14.25
N MET A 778 -29.16 -19.06 14.95
CA MET A 778 -29.43 -20.26 15.72
C MET A 778 -30.38 -19.95 16.88
N PRO A 779 -30.91 -20.97 17.57
CA PRO A 779 -31.79 -20.57 18.67
C PRO A 779 -31.07 -19.87 19.84
N ALA A 780 -30.32 -18.82 19.54
CA ALA A 780 -29.97 -17.76 20.48
C ALA A 780 -30.28 -16.48 19.72
N GLY A 781 -31.31 -15.76 20.17
CA GLY A 781 -32.07 -14.87 19.28
C GLY A 781 -33.50 -14.77 19.77
N LYS A 782 -34.44 -14.64 18.84
CA LYS A 782 -35.84 -14.79 19.18
C LYS A 782 -36.30 -16.24 19.00
N ASP A 783 -36.57 -16.91 20.12
CA ASP A 783 -37.06 -18.29 20.09
C ASP A 783 -38.58 -18.28 20.14
N SER A 784 -39.13 -17.10 20.39
CA SER A 784 -40.57 -16.89 20.42
C SER A 784 -41.05 -16.49 19.04
N LYS A 785 -40.55 -15.36 18.55
CA LYS A 785 -40.86 -14.87 17.22
C LYS A 785 -40.68 -15.97 16.17
N ASN A 786 -39.63 -16.78 16.32
CA ASN A 786 -39.54 -18.00 15.53
C ASN A 786 -38.88 -19.18 16.25
N ALA A 787 -39.54 -20.33 16.24
CA ALA A 787 -38.86 -21.60 16.40
C ALA A 787 -39.39 -22.57 15.35
N ARG A 788 -38.54 -22.91 14.39
CA ARG A 788 -38.98 -23.72 13.26
C ARG A 788 -37.92 -24.71 12.79
N TRP A 789 -38.34 -25.96 12.59
CA TRP A 789 -37.47 -26.92 11.93
C TRP A 789 -37.56 -26.65 10.44
N GLU A 790 -36.43 -26.28 9.85
CA GLU A 790 -36.41 -25.79 8.48
C GLU A 790 -35.26 -26.41 7.71
N VAL A 791 -35.54 -26.86 6.49
CA VAL A 791 -34.49 -27.46 5.69
C VAL A 791 -33.52 -26.38 5.23
N VAL A 792 -32.26 -26.54 5.65
CA VAL A 792 -31.22 -25.56 5.37
C VAL A 792 -30.11 -26.15 4.49
N PRO A 793 -29.87 -25.56 3.32
CA PRO A 793 -28.82 -26.01 2.41
C PRO A 793 -27.41 -25.73 2.93
N CYS A 794 -26.96 -26.56 3.87
CA CYS A 794 -25.63 -26.40 4.47
C CYS A 794 -24.54 -27.00 3.59
N LEU A 795 -23.38 -26.34 3.56
CA LEU A 795 -22.22 -26.86 2.84
C LEU A 795 -21.63 -28.07 3.58
N LEU A 796 -20.85 -28.86 2.86
CA LEU A 796 -20.33 -30.12 3.39
C LEU A 796 -19.35 -29.94 4.55
N ASN A 797 -18.73 -28.77 4.64
CA ASN A 797 -17.76 -28.51 5.70
C ASN A 797 -18.44 -28.09 7.01
N CYS A 798 -19.77 -28.02 6.98
CA CYS A 798 -20.54 -27.70 8.17
C CYS A 798 -21.00 -28.96 8.89
N LEU A 799 -20.61 -30.12 8.36
CA LEU A 799 -21.00 -31.40 8.95
C LEU A 799 -19.93 -31.89 9.93
N ARG A 800 -20.23 -31.84 11.23
CA ARG A 800 -19.29 -32.32 12.22
C ARG A 800 -19.52 -33.74 12.75
N ALA A 801 -20.71 -34.30 12.52
CA ALA A 801 -21.00 -35.65 13.01
C ALA A 801 -22.18 -36.30 12.29
N LEU A 802 -22.23 -37.63 12.35
CA LEU A 802 -23.35 -38.36 11.76
C LEU A 802 -24.06 -39.21 12.82
N GLY A 803 -25.36 -39.42 12.64
CA GLY A 803 -26.14 -40.21 13.57
C GLY A 803 -26.00 -41.69 13.31
N GLN A 804 -26.39 -42.50 14.28
CA GLN A 804 -26.31 -43.95 14.14
C GLN A 804 -27.48 -44.50 13.32
N LEU A 805 -28.67 -43.95 13.55
CA LEU A 805 -29.87 -44.40 12.85
C LEU A 805 -30.56 -43.24 12.15
N ARG A 806 -31.35 -43.58 11.12
CA ARG A 806 -32.03 -42.59 10.30
C ARG A 806 -33.53 -42.54 10.59
N VAL A 807 -34.12 -41.36 10.41
CA VAL A 807 -35.55 -41.19 10.58
C VAL A 807 -36.27 -41.27 9.23
N PHE A 808 -37.38 -41.99 9.18
CA PHE A 808 -38.21 -42.06 7.99
C PHE A 808 -38.70 -40.67 7.59
N LEU A 809 -38.50 -40.31 6.32
CA LEU A 809 -38.84 -38.97 5.86
C LEU A 809 -39.79 -39.00 4.66
N PRO A 810 -40.75 -38.07 4.63
CA PRO A 810 -41.63 -37.96 3.46
C PRO A 810 -40.90 -37.30 2.29
N LYS A 811 -41.58 -37.19 1.15
CA LYS A 811 -40.97 -36.64 -0.05
C LYS A 811 -40.92 -35.10 -0.06
N ARG A 812 -41.90 -34.48 0.59
CA ARG A 812 -42.04 -33.02 0.55
C ARG A 812 -42.12 -32.38 1.92
N LEU A 813 -41.24 -31.42 2.16
CA LEU A 813 -41.43 -30.49 3.27
C LEU A 813 -41.62 -29.10 2.68
N GLU A 814 -42.85 -28.59 2.75
CA GLU A 814 -43.19 -27.31 2.14
C GLU A 814 -43.80 -26.36 3.16
N SER A 815 -44.97 -26.73 3.66
CA SER A 815 -45.67 -25.91 4.65
C SER A 815 -45.01 -26.07 6.02
N ALA A 816 -45.57 -25.39 7.01
CA ALA A 816 -45.05 -25.46 8.37
C ALA A 816 -45.37 -26.81 8.99
N ASP A 817 -46.48 -27.41 8.58
CA ASP A 817 -46.91 -28.70 9.10
C ASP A 817 -45.91 -29.81 8.76
N GLU A 818 -45.55 -29.89 7.49
CA GLU A 818 -44.68 -30.95 6.98
C GLU A 818 -43.32 -30.93 7.68
N LYS A 819 -42.81 -29.74 7.94
CA LYS A 819 -41.48 -29.58 8.54
C LYS A 819 -41.49 -29.77 10.05
N ASP A 820 -42.55 -29.30 10.71
CA ASP A 820 -42.65 -29.37 12.16
C ASP A 820 -42.82 -30.81 12.63
N GLY A 821 -43.41 -31.64 11.78
CA GLY A 821 -43.62 -33.04 12.09
C GLY A 821 -42.31 -33.81 12.17
N VAL A 822 -41.37 -33.44 11.30
CA VAL A 822 -40.05 -34.06 11.29
C VAL A 822 -39.26 -33.61 12.52
N GLY A 823 -39.56 -32.40 13.00
CA GLY A 823 -38.91 -31.86 14.18
C GLY A 823 -39.24 -32.66 15.42
N LYS A 824 -40.50 -33.07 15.54
CA LYS A 824 -40.93 -33.89 16.67
C LYS A 824 -40.30 -35.27 16.58
N ALA A 825 -40.05 -35.73 15.36
CA ALA A 825 -39.37 -36.99 15.14
C ALA A 825 -37.91 -36.90 15.60
N VAL A 826 -37.37 -35.69 15.56
CA VAL A 826 -36.02 -35.43 16.06
C VAL A 826 -36.03 -35.27 17.58
N ASP A 827 -37.03 -34.57 18.10
CA ASP A 827 -37.14 -34.32 19.53
C ASP A 827 -37.34 -35.61 20.31
N GLU A 828 -37.99 -36.58 19.69
CA GLU A 828 -38.21 -37.89 20.29
C GLU A 828 -36.88 -38.62 20.52
N ILE A 829 -35.95 -38.46 19.58
CA ILE A 829 -34.64 -39.08 19.69
C ILE A 829 -33.85 -38.47 20.84
N SER A 830 -34.05 -37.16 21.07
CA SER A 830 -33.33 -36.45 22.12
C SER A 830 -33.79 -36.88 23.50
N ARG A 831 -35.07 -37.24 23.63
CA ARG A 831 -35.62 -37.65 24.92
C ARG A 831 -35.06 -39.01 25.35
N ARG A 832 -34.74 -39.86 24.38
CA ARG A 832 -34.20 -41.18 24.67
C ARG A 832 -32.67 -41.21 24.77
N PHE A 833 -32.03 -40.11 24.39
CA PHE A 833 -30.58 -40.03 24.44
C PHE A 833 -30.11 -38.75 25.12
N PRO A 834 -30.17 -38.71 26.46
CA PRO A 834 -29.81 -37.52 27.24
C PRO A 834 -28.33 -37.17 27.18
N ASP A 835 -27.47 -38.17 27.27
CA ASP A 835 -26.03 -37.95 27.27
C ASP A 835 -25.55 -37.46 25.92
N GLY A 836 -26.16 -37.99 24.87
CA GLY A 836 -25.84 -37.60 23.51
C GLY A 836 -26.42 -38.58 22.51
N ILE A 837 -26.44 -38.18 21.26
CA ILE A 837 -26.92 -39.05 20.19
C ILE A 837 -25.77 -39.84 19.59
N PRO A 838 -25.90 -41.18 19.55
CA PRO A 838 -24.84 -42.09 19.11
C PRO A 838 -24.21 -41.69 17.78
N ILE A 839 -22.89 -41.72 17.74
CA ILE A 839 -22.14 -41.29 16.56
C ILE A 839 -21.54 -42.49 15.85
N LEU A 840 -21.48 -42.43 14.52
CA LEU A 840 -20.79 -43.46 13.75
C LEU A 840 -19.29 -43.33 14.01
N ASP A 841 -18.69 -44.43 14.47
CA ASP A 841 -17.26 -44.43 14.77
C ASP A 841 -16.46 -44.36 13.47
N PRO A 842 -15.65 -43.30 13.31
CA PRO A 842 -14.83 -43.10 12.12
C PRO A 842 -14.00 -44.32 11.76
N MET A 843 -13.57 -45.08 12.76
CA MET A 843 -12.73 -46.25 12.53
C MET A 843 -13.51 -47.48 12.06
N GLU A 844 -14.27 -48.05 12.98
CA GLU A 844 -14.91 -49.34 12.75
C GLU A 844 -16.18 -49.21 11.91
N ASN A 845 -17.01 -48.22 12.22
CA ASN A 845 -18.29 -48.06 11.56
C ASN A 845 -18.16 -47.56 10.12
N MET A 846 -17.29 -46.58 9.91
CA MET A 846 -17.13 -45.99 8.59
C MET A 846 -15.99 -46.61 7.79
N GLY A 847 -15.27 -47.54 8.43
CA GLY A 847 -14.23 -48.30 7.75
C GLY A 847 -13.10 -47.48 7.17
N ILE A 848 -12.45 -46.67 8.01
CA ILE A 848 -11.30 -45.89 7.55
C ILE A 848 -10.01 -46.48 8.13
N ASN A 849 -9.24 -47.14 7.27
CA ASN A 849 -8.04 -47.88 7.68
C ASN A 849 -6.73 -47.15 7.46
N ASP A 850 -6.81 -45.91 6.96
CA ASP A 850 -5.63 -45.16 6.50
C ASP A 850 -4.51 -45.06 7.54
N ASP A 851 -3.27 -45.21 7.09
CA ASP A 851 -2.11 -45.06 7.95
C ASP A 851 -2.02 -43.64 8.50
N SER A 852 -2.46 -42.68 7.71
CA SER A 852 -2.47 -41.28 8.11
C SER A 852 -3.63 -40.97 9.05
N PHE A 853 -4.73 -41.72 8.90
CA PHE A 853 -5.88 -41.56 9.77
C PHE A 853 -5.64 -42.23 11.12
N LYS A 854 -5.05 -43.42 11.08
CA LYS A 854 -4.67 -44.14 12.28
C LYS A 854 -3.70 -43.33 13.13
N LYS A 855 -2.73 -42.71 12.47
CA LYS A 855 -1.71 -41.91 13.15
C LYS A 855 -2.34 -40.74 13.88
N LEU A 856 -3.12 -39.95 13.15
CA LEU A 856 -3.80 -38.79 13.73
C LEU A 856 -4.70 -39.20 14.89
N LEU A 857 -5.39 -40.33 14.71
CA LEU A 857 -6.33 -40.82 15.72
C LEU A 857 -5.60 -41.41 16.92
N ARG A 858 -4.38 -41.91 16.71
CA ARG A 858 -3.56 -42.43 17.79
C ARG A 858 -2.94 -41.28 18.57
N LYS A 859 -2.62 -40.20 17.86
CA LYS A 859 -2.08 -39.01 18.50
C LYS A 859 -3.20 -38.18 19.13
N ILE A 860 -4.44 -38.55 18.83
CA ILE A 860 -5.60 -37.94 19.47
C ILE A 860 -5.81 -38.54 20.86
N GLU A 861 -5.67 -39.86 20.95
CA GLU A 861 -5.88 -40.56 22.21
C GLU A 861 -4.83 -40.19 23.27
N VAL A 862 -3.56 -40.29 22.91
CA VAL A 862 -2.47 -40.06 23.85
C VAL A 862 -2.39 -38.60 24.27
N LEU A 863 -2.89 -37.71 23.41
CA LEU A 863 -2.89 -36.28 23.72
C LEU A 863 -4.03 -35.94 24.69
N GLU A 864 -5.11 -36.71 24.61
CA GLU A 864 -6.23 -36.56 25.52
C GLU A 864 -5.83 -36.97 26.94
N SER A 865 -5.01 -38.01 27.03
CA SER A 865 -4.57 -38.53 28.32
C SER A 865 -3.69 -37.53 29.08
N ARG A 866 -2.95 -36.72 28.33
CA ARG A 866 -2.07 -35.72 28.94
C ARG A 866 -2.86 -34.58 29.57
N LEU A 867 -4.09 -34.39 29.12
CA LEU A 867 -4.93 -33.29 29.61
C LEU A 867 -5.54 -33.64 30.97
N VAL A 868 -5.62 -34.92 31.27
CA VAL A 868 -6.21 -35.38 32.53
C VAL A 868 -5.17 -35.41 33.66
N ALA A 869 -3.90 -35.31 33.28
CA ALA A 869 -2.79 -35.43 34.23
C ALA A 869 -2.39 -34.09 34.83
N ASN A 870 -3.18 -33.07 34.51
CA ASN A 870 -2.95 -31.70 34.96
C ASN A 870 -4.13 -31.25 35.81
N PRO A 871 -3.98 -30.16 36.59
CA PRO A 871 -5.13 -29.73 37.39
C PRO A 871 -6.29 -29.25 36.53
N LEU A 872 -6.85 -30.15 35.73
CA LEU A 872 -8.03 -29.91 34.92
C LEU A 872 -9.30 -30.08 35.73
N HIS A 873 -9.27 -31.06 36.64
CA HIS A 873 -10.46 -31.48 37.37
C HIS A 873 -10.49 -30.94 38.79
N ASN A 874 -11.71 -30.71 39.29
CA ASN A 874 -11.98 -30.28 40.67
C ASN A 874 -11.74 -28.79 40.87
N SER A 875 -11.31 -28.13 39.79
CA SER A 875 -11.24 -26.67 39.75
C SER A 875 -10.84 -26.20 38.36
N PRO A 876 -11.64 -25.27 37.80
CA PRO A 876 -11.43 -24.50 36.57
C PRO A 876 -10.93 -23.08 36.82
N LEU A 877 -9.78 -22.91 37.45
CA LEU A 877 -9.25 -21.56 37.67
C LEU A 877 -8.27 -21.21 36.57
N LEU A 878 -8.15 -22.10 35.59
CA LEU A 878 -7.22 -21.94 34.48
C LEU A 878 -7.44 -20.64 33.69
N VAL A 879 -8.63 -20.05 33.82
CA VAL A 879 -8.95 -18.80 33.15
C VAL A 879 -8.03 -17.67 33.60
N GLU A 880 -7.88 -17.52 34.92
CA GLU A 880 -7.01 -16.48 35.48
C GLU A 880 -5.56 -16.75 35.13
N LEU A 881 -5.18 -18.02 35.12
CA LEU A 881 -3.81 -18.41 34.76
C LEU A 881 -3.52 -18.05 33.30
N TRP A 882 -4.41 -18.48 32.41
CA TRP A 882 -4.23 -18.26 30.97
C TRP A 882 -4.19 -16.78 30.63
N ASN A 883 -5.05 -15.99 31.27
CA ASN A 883 -5.12 -14.55 31.02
C ASN A 883 -3.83 -13.85 31.39
N GLN A 884 -3.21 -14.30 32.48
CA GLN A 884 -1.94 -13.73 32.94
C GLN A 884 -0.77 -14.29 32.12
N TYR A 885 -0.85 -15.57 31.80
CA TYR A 885 0.21 -16.25 31.07
C TYR A 885 0.24 -15.86 29.60
N SER A 886 -0.91 -15.42 29.08
CA SER A 886 -1.02 -15.02 27.67
C SER A 886 -0.10 -13.85 27.35
N LEU A 887 -0.04 -12.88 28.26
CA LEU A 887 0.80 -11.70 28.06
C LEU A 887 2.28 -12.07 28.16
N LYS A 888 2.57 -13.08 28.95
CA LYS A 888 3.95 -13.55 29.14
C LYS A 888 4.51 -14.10 27.84
N MET A 889 3.66 -14.77 27.06
CA MET A 889 4.06 -15.33 25.78
C MET A 889 4.09 -14.26 24.69
N GLN A 890 3.16 -13.31 24.78
CA GLN A 890 3.11 -12.18 23.85
C GLN A 890 4.39 -11.36 23.96
N LEU A 891 4.75 -11.01 25.19
CA LEU A 891 5.98 -10.27 25.46
C LEU A 891 7.21 -11.13 25.13
N GLY A 892 7.12 -12.42 25.44
CA GLY A 892 8.21 -13.34 25.16
C GLY A 892 8.48 -13.46 23.67
N GLU A 893 7.42 -13.44 22.87
CA GLU A 893 7.53 -13.45 21.43
C GLU A 893 7.99 -12.08 20.93
N GLN A 894 7.57 -11.04 21.66
CA GLN A 894 7.91 -9.66 21.33
C GLN A 894 9.38 -9.38 21.66
N ILE A 895 9.93 -10.16 22.59
CA ILE A 895 11.33 -10.05 22.98
C ILE A 895 12.25 -10.66 21.94
N LYS A 896 11.87 -11.82 21.43
CA LYS A 896 12.64 -12.52 20.41
C LYS A 896 12.86 -11.66 19.17
N GLU A 897 11.89 -10.81 18.87
CA GLU A 897 11.98 -9.90 17.73
C GLU A 897 13.03 -8.82 17.98
N LYS A 898 12.99 -8.23 19.17
CA LYS A 898 13.98 -7.22 19.56
C LYS A 898 15.37 -7.84 19.62
N LYS A 899 15.42 -9.14 19.93
CA LYS A 899 16.67 -9.88 19.93
C LYS A 899 17.21 -9.98 18.50
N LYS A 900 16.33 -10.31 17.57
CA LYS A 900 16.71 -10.44 16.16
C LYS A 900 16.75 -9.08 15.47
N ALA A 901 16.31 -8.04 16.18
CA ALA A 901 16.35 -6.68 15.67
C ALA A 901 17.78 -6.17 15.61
N ILE A 902 18.59 -6.59 16.59
CA ILE A 902 19.99 -6.19 16.65
C ILE A 902 20.77 -6.82 15.51
N ALA A 903 20.36 -8.01 15.10
CA ALA A 903 21.01 -8.73 14.02
C ALA A 903 20.85 -7.99 12.69
N ARG A 904 19.76 -7.25 12.55
CA ARG A 904 19.49 -6.51 11.33
C ARG A 904 20.05 -5.09 11.39
N ALA A 905 20.49 -4.67 12.57
CA ALA A 905 21.16 -3.38 12.72
C ALA A 905 22.63 -3.51 12.32
N HIS A 906 23.20 -4.67 12.61
CA HIS A 906 24.60 -4.95 12.28
C HIS A 906 24.72 -5.62 10.92
N SER A 907 23.61 -5.72 10.20
CA SER A 907 23.55 -6.37 8.89
C SER A 907 24.60 -5.86 7.90
N VAL A 908 25.26 -6.82 7.27
CA VAL A 908 26.35 -6.56 6.33
C VAL A 908 25.93 -6.58 4.86
N ALA A 909 24.64 -6.75 4.60
CA ALA A 909 24.12 -6.97 3.24
C ALA A 909 24.68 -5.99 2.22
N GLN A 910 24.77 -4.72 2.60
CA GLN A 910 25.32 -3.69 1.72
C GLN A 910 26.80 -3.94 1.44
N LEU A 911 27.54 -4.30 2.47
CA LEU A 911 28.98 -4.49 2.34
C LEU A 911 29.34 -5.71 1.51
N ASP A 912 28.69 -6.84 1.78
CA ASP A 912 28.97 -8.09 1.09
C ASP A 912 28.57 -8.03 -0.37
N GLU A 913 27.57 -7.22 -0.68
CA GLU A 913 27.09 -7.07 -2.05
C GLU A 913 28.12 -6.35 -2.92
N LEU A 914 28.77 -5.35 -2.33
CA LEU A 914 29.71 -4.50 -3.05
C LEU A 914 30.90 -5.28 -3.63
N LYS A 915 31.50 -6.15 -2.83
CA LYS A 915 32.61 -6.97 -3.29
C LYS A 915 32.17 -7.92 -4.39
N SER A 916 30.98 -8.49 -4.22
CA SER A 916 30.43 -9.43 -5.19
C SER A 916 29.98 -8.72 -6.46
N ARG A 917 29.55 -7.47 -6.31
CA ARG A 917 29.08 -6.68 -7.45
C ARG A 917 30.23 -6.13 -8.27
N LYS A 918 31.32 -5.76 -7.61
CA LYS A 918 32.48 -5.20 -8.31
C LYS A 918 33.30 -6.28 -9.01
N ARG A 919 32.97 -7.54 -8.75
CA ARG A 919 33.65 -8.65 -9.40
C ARG A 919 33.11 -8.86 -10.82
N VAL A 920 31.81 -8.64 -11.01
CA VAL A 920 31.21 -8.78 -12.32
C VAL A 920 31.56 -7.56 -13.17
N LEU A 921 31.94 -6.47 -12.51
CA LEU A 921 32.40 -5.27 -13.22
C LEU A 921 33.79 -5.53 -13.80
N ARG A 922 34.57 -6.31 -13.07
CA ARG A 922 35.91 -6.68 -13.52
C ARG A 922 35.86 -7.81 -14.56
N ARG A 923 34.95 -8.75 -14.37
CA ARG A 923 34.87 -9.92 -15.22
C ARG A 923 34.20 -9.63 -16.55
N LEU A 924 33.19 -8.78 -16.55
CA LEU A 924 32.46 -8.44 -17.77
C LEU A 924 33.27 -7.44 -18.61
N GLY A 925 34.31 -6.88 -18.02
CA GLY A 925 35.21 -5.98 -18.73
C GLY A 925 34.88 -4.51 -18.57
N PHE A 926 34.03 -4.18 -17.61
CA PHE A 926 33.65 -2.79 -17.38
C PHE A 926 34.77 -2.02 -16.69
N ILE A 927 35.55 -2.72 -15.86
CA ILE A 927 36.70 -2.11 -15.20
C ILE A 927 37.90 -3.05 -15.24
N ASN A 928 39.03 -2.60 -14.68
CA ASN A 928 40.26 -3.37 -14.71
C ASN A 928 40.48 -4.19 -13.43
N ASP A 929 41.63 -4.85 -13.34
CA ASP A 929 41.97 -5.66 -12.18
C ASP A 929 42.30 -4.78 -10.98
N ALA A 930 42.68 -3.53 -11.25
CA ALA A 930 42.95 -2.56 -10.19
C ALA A 930 41.66 -1.88 -9.78
N GLU A 931 40.56 -2.30 -10.40
CA GLU A 931 39.23 -1.74 -10.17
C GLU A 931 39.21 -0.24 -10.44
N VAL A 932 39.81 0.15 -11.56
CA VAL A 932 39.80 1.53 -12.01
C VAL A 932 38.88 1.63 -13.23
N VAL A 933 38.16 2.74 -13.33
CA VAL A 933 37.16 2.95 -14.37
C VAL A 933 37.74 2.81 -15.78
N GLN A 934 36.97 2.21 -16.68
CA GLN A 934 37.36 2.06 -18.08
C GLN A 934 36.38 2.82 -18.96
N MET A 935 36.59 2.77 -20.28
CA MET A 935 35.78 3.52 -21.23
C MET A 935 34.30 3.09 -21.24
N LYS A 936 34.07 1.79 -21.12
CA LYS A 936 32.71 1.26 -21.10
C LYS A 936 31.92 1.77 -19.91
N ALA A 937 32.61 1.96 -18.79
CA ALA A 937 31.97 2.42 -17.56
C ALA A 937 31.61 3.90 -17.63
N ARG A 938 32.20 4.61 -18.59
CA ARG A 938 31.92 6.04 -18.74
C ARG A 938 30.60 6.29 -19.46
N VAL A 939 30.16 5.34 -20.27
CA VAL A 939 28.86 5.46 -20.93
C VAL A 939 27.76 4.80 -20.10
N ALA A 940 28.14 4.02 -19.09
CA ALA A 940 27.18 3.38 -18.21
C ALA A 940 26.74 4.35 -17.12
N CYS A 941 27.56 5.36 -16.87
CA CYS A 941 27.24 6.39 -15.89
C CYS A 941 26.30 7.42 -16.51
N GLU A 942 26.13 7.31 -17.82
CA GLU A 942 25.25 8.21 -18.56
C GLU A 942 23.84 7.64 -18.71
N ILE A 943 23.65 6.40 -18.27
CA ILE A 943 22.32 5.78 -18.32
C ILE A 943 21.65 5.91 -16.96
N SER A 944 20.50 6.57 -16.93
CA SER A 944 19.85 6.95 -15.68
C SER A 944 18.40 6.47 -15.60
N SER A 945 17.59 6.92 -16.55
CA SER A 945 16.14 6.69 -16.53
C SER A 945 15.73 5.21 -16.43
N THR A 946 16.65 4.31 -16.75
CA THR A 946 16.36 2.87 -16.69
C THR A 946 17.23 2.14 -15.66
N GLU A 947 16.64 1.54 -14.63
CA GLU A 947 17.47 0.89 -13.62
C GLU A 947 17.36 -0.66 -13.70
N GLY A 948 18.51 -1.31 -13.76
CA GLY A 948 18.57 -2.75 -13.94
C GLY A 948 19.00 -3.25 -15.32
N HIS A 949 18.83 -2.47 -16.38
CA HIS A 949 19.37 -2.83 -17.69
C HIS A 949 20.63 -2.05 -18.04
N GLU A 950 21.08 -1.24 -17.08
CA GLU A 950 22.25 -0.37 -17.23
C GLU A 950 23.46 -1.09 -17.81
N LEU A 951 23.63 -2.36 -17.45
CA LEU A 951 24.74 -3.15 -18.00
C LEU A 951 24.42 -3.68 -19.39
N LEU A 952 23.18 -4.15 -19.57
CA LEU A 952 22.73 -4.70 -20.84
C LEU A 952 22.78 -3.64 -21.94
N LEU A 953 22.21 -2.47 -21.66
CA LEU A 953 22.22 -1.37 -22.59
C LEU A 953 23.64 -0.91 -22.90
N ALA A 954 24.50 -0.90 -21.88
CA ALA A 954 25.89 -0.52 -22.05
C ALA A 954 26.64 -1.57 -22.86
N GLU A 955 26.26 -2.83 -22.68
CA GLU A 955 26.89 -3.94 -23.39
C GLU A 955 26.54 -3.91 -24.87
N LEU A 956 25.24 -3.80 -25.17
CA LEU A 956 24.76 -3.81 -26.55
C LEU A 956 25.28 -2.63 -27.36
N LEU A 957 25.23 -1.43 -26.77
CA LEU A 957 25.66 -0.23 -27.47
C LEU A 957 27.14 -0.26 -27.81
N PHE A 958 27.95 -0.67 -26.84
CA PHE A 958 29.40 -0.69 -27.02
C PHE A 958 29.80 -1.79 -28.01
N ASN A 959 28.93 -2.77 -28.16
CA ASN A 959 29.19 -3.92 -29.02
C ASN A 959 28.73 -3.69 -30.46
N ARG A 960 28.34 -2.45 -30.75
CA ARG A 960 27.92 -2.04 -32.09
C ARG A 960 26.68 -2.80 -32.56
N PHE A 961 25.55 -2.48 -31.93
CA PHE A 961 24.28 -3.15 -32.22
C PHE A 961 23.31 -2.23 -32.96
N PHE A 962 22.90 -1.14 -32.30
CA PHE A 962 21.90 -0.22 -32.82
C PHE A 962 22.26 0.43 -34.16
N ASN A 963 23.55 0.36 -34.52
CA ASN A 963 24.03 0.96 -35.77
C ASN A 963 23.70 0.12 -37.00
N GLU A 964 23.47 -1.18 -36.80
CA GLU A 964 23.15 -2.09 -37.89
C GLU A 964 21.66 -2.07 -38.18
N LEU A 965 20.95 -1.21 -37.45
CA LEU A 965 19.50 -1.16 -37.47
C LEU A 965 18.99 0.15 -38.07
N SER A 966 17.68 0.34 -38.01
CA SER A 966 17.06 1.56 -38.51
C SER A 966 16.52 2.37 -37.33
N PRO A 967 16.44 3.70 -37.48
CA PRO A 967 15.98 4.60 -36.41
C PRO A 967 14.65 4.19 -35.77
N GLU A 968 13.70 3.76 -36.60
CA GLU A 968 12.40 3.32 -36.09
C GLU A 968 12.57 2.03 -35.28
N ILE A 969 13.47 1.17 -35.73
CA ILE A 969 13.75 -0.08 -35.05
C ILE A 969 14.45 0.19 -33.71
N CYS A 970 15.36 1.16 -33.71
CA CYS A 970 16.10 1.53 -32.50
C CYS A 970 15.16 2.03 -31.40
N ALA A 971 14.08 2.70 -31.80
CA ALA A 971 13.13 3.24 -30.84
C ALA A 971 12.22 2.16 -30.27
N CYS A 972 11.81 1.22 -31.10
CA CYS A 972 10.88 0.19 -30.68
C CYS A 972 11.57 -0.89 -29.84
N ILE A 973 12.88 -0.99 -29.98
CA ILE A 973 13.66 -1.95 -29.20
C ILE A 973 13.87 -1.44 -27.78
N LEU A 974 14.12 -0.14 -27.64
CA LEU A 974 14.33 0.46 -26.33
C LEU A 974 13.03 0.54 -25.53
N SER A 975 11.93 0.19 -26.17
CA SER A 975 10.63 0.15 -25.50
C SER A 975 10.55 -0.97 -24.47
N CYS A 976 11.32 -2.03 -24.71
CA CYS A 976 11.31 -3.20 -23.85
C CYS A 976 11.82 -2.89 -22.44
N PHE A 977 12.70 -1.90 -22.35
CA PHE A 977 13.35 -1.56 -21.08
C PHE A 977 12.57 -0.58 -20.22
N ILE A 978 11.63 0.13 -20.83
CA ILE A 978 11.13 1.37 -20.23
C ILE A 978 10.09 1.17 -19.13
N PHE A 979 9.25 0.15 -19.26
CA PHE A 979 8.22 -0.06 -18.26
C PHE A 979 7.83 -1.52 -18.16
N ASP A 980 7.50 -1.94 -16.95
CA ASP A 980 7.26 -3.33 -16.65
C ASP A 980 5.77 -3.74 -16.58
N GLU A 981 4.85 -2.80 -16.78
CA GLU A 981 3.42 -3.12 -16.80
C GLU A 981 3.07 -4.16 -17.86
N LYS A 982 2.21 -5.11 -17.52
CA LYS A 982 1.83 -6.17 -18.45
C LYS A 982 0.96 -5.65 -19.58
N ILE A 983 1.16 -6.22 -20.76
CA ILE A 983 0.45 -5.81 -21.97
C ILE A 983 0.05 -7.04 -22.76
N GLU A 984 -1.14 -7.05 -23.33
CA GLU A 984 -1.57 -8.20 -24.12
C GLU A 984 -1.84 -7.86 -25.57
N THR A 985 -0.97 -8.37 -26.44
CA THR A 985 -1.18 -8.39 -27.87
C THR A 985 -0.46 -9.63 -28.35
N GLN A 986 -0.81 -10.15 -29.52
CA GLN A 986 -0.10 -11.32 -29.99
C GLN A 986 0.73 -10.95 -31.21
N ALA A 987 2.04 -10.76 -31.01
CA ALA A 987 2.97 -10.66 -32.12
C ALA A 987 4.25 -11.43 -31.85
N LEU A 988 4.43 -12.52 -32.59
CA LEU A 988 5.69 -13.25 -32.64
C LEU A 988 6.49 -12.92 -33.90
N LYS A 989 6.05 -11.87 -34.60
CA LYS A 989 6.57 -11.52 -35.93
C LYS A 989 8.09 -11.56 -35.97
N GLU A 990 8.62 -12.28 -36.96
CA GLU A 990 10.02 -12.70 -36.98
C GLU A 990 10.96 -11.52 -37.15
N GLU A 991 10.43 -10.43 -37.67
CA GLU A 991 11.20 -9.22 -37.90
C GLU A 991 11.69 -8.62 -36.59
N LEU A 992 10.79 -8.51 -35.61
CA LEU A 992 11.15 -7.95 -34.32
C LEU A 992 11.51 -9.05 -33.31
N ALA A 993 11.34 -10.30 -33.71
CA ALA A 993 11.68 -11.43 -32.84
C ALA A 993 13.18 -11.71 -32.87
N LYS A 994 13.79 -11.45 -34.02
CA LYS A 994 15.24 -11.67 -34.19
C LYS A 994 16.07 -10.72 -33.31
N PRO A 995 15.80 -9.39 -33.35
CA PRO A 995 16.59 -8.55 -32.46
C PRO A 995 16.24 -8.74 -30.99
N PHE A 996 14.99 -9.12 -30.71
CA PHE A 996 14.55 -9.31 -29.33
C PHE A 996 15.22 -10.53 -28.70
N ARG A 997 15.27 -11.62 -29.45
CA ARG A 997 15.89 -12.86 -28.95
C ARG A 997 17.38 -12.66 -28.70
N GLU A 998 17.99 -11.75 -29.44
CA GLU A 998 19.42 -11.48 -29.31
C GLU A 998 19.73 -10.68 -28.06
N ILE A 999 18.96 -9.63 -27.81
CA ILE A 999 19.14 -8.80 -26.63
C ILE A 999 18.65 -9.55 -25.39
N GLN A 1000 17.84 -10.58 -25.62
CA GLN A 1000 17.37 -11.46 -24.55
C GLN A 1000 18.44 -12.47 -24.17
N ALA A 1001 19.15 -12.98 -25.18
CA ALA A 1001 20.21 -13.95 -24.95
C ALA A 1001 21.40 -13.31 -24.24
N GLN A 1002 21.63 -12.03 -24.53
CA GLN A 1002 22.68 -11.26 -23.86
C GLN A 1002 22.41 -11.13 -22.37
N ALA A 1003 21.13 -11.10 -22.01
CA ALA A 1003 20.72 -11.02 -20.62
C ALA A 1003 21.11 -12.30 -19.89
N ARG A 1004 21.03 -13.43 -20.58
CA ARG A 1004 21.41 -14.71 -20.01
C ARG A 1004 22.91 -14.76 -19.76
N ILE A 1005 23.67 -14.17 -20.67
CA ILE A 1005 25.12 -14.06 -20.51
C ILE A 1005 25.46 -13.26 -19.26
N ILE A 1006 24.74 -12.15 -19.08
CA ILE A 1006 24.91 -11.29 -17.92
C ILE A 1006 24.49 -12.00 -16.63
N ALA A 1007 23.31 -12.62 -16.67
CA ALA A 1007 22.77 -13.31 -15.51
C ALA A 1007 23.60 -14.53 -15.14
N LYS A 1008 24.36 -15.05 -16.09
CA LYS A 1008 25.18 -16.23 -15.86
C LYS A 1008 26.31 -15.98 -14.85
N VAL A 1009 27.14 -14.97 -15.14
CA VAL A 1009 28.29 -14.67 -14.29
C VAL A 1009 27.90 -13.89 -13.04
N SER A 1010 26.79 -13.15 -13.12
CA SER A 1010 26.34 -12.35 -11.99
C SER A 1010 25.72 -13.21 -10.90
N ALA A 1011 25.16 -14.36 -11.29
CA ALA A 1011 24.50 -15.25 -10.33
C ALA A 1011 25.49 -16.09 -9.54
N GLU A 1012 26.54 -16.56 -10.20
CA GLU A 1012 27.52 -17.45 -9.57
C GLU A 1012 28.62 -16.62 -8.89
N SER A 1013 28.39 -15.32 -8.86
CA SER A 1013 29.25 -14.36 -8.20
C SER A 1013 28.83 -14.25 -6.72
N LYS A 1014 27.96 -15.18 -6.32
CA LYS A 1014 27.33 -15.22 -5.00
C LYS A 1014 26.36 -14.06 -4.81
N LEU A 1015 25.55 -13.83 -5.84
CA LEU A 1015 24.40 -12.94 -5.77
C LEU A 1015 23.15 -13.78 -5.95
N ASP A 1016 21.98 -13.16 -5.86
CA ASP A 1016 20.75 -13.90 -6.08
C ASP A 1016 19.95 -13.32 -7.25
N VAL A 1017 20.01 -14.01 -8.39
CA VAL A 1017 19.14 -13.75 -9.52
C VAL A 1017 18.89 -15.05 -10.28
N ASN A 1018 17.65 -15.31 -10.65
CA ASN A 1018 17.33 -16.52 -11.41
C ASN A 1018 17.52 -16.32 -12.91
N GLU A 1019 17.92 -17.39 -13.59
CA GLU A 1019 18.19 -17.33 -15.03
C GLU A 1019 16.94 -16.96 -15.83
N ASP A 1020 15.78 -17.41 -15.37
CA ASP A 1020 14.52 -17.15 -16.07
C ASP A 1020 13.96 -15.76 -15.78
N GLU A 1021 14.06 -15.32 -14.53
CA GLU A 1021 13.41 -14.10 -14.10
C GLU A 1021 13.92 -12.83 -14.78
N TYR A 1022 15.24 -12.70 -14.88
CA TYR A 1022 15.84 -11.51 -15.47
C TYR A 1022 15.58 -11.44 -16.98
N VAL A 1023 15.59 -12.60 -17.62
CA VAL A 1023 15.34 -12.70 -19.06
C VAL A 1023 13.97 -12.15 -19.44
N GLN A 1024 12.98 -12.44 -18.60
CA GLN A 1024 11.59 -12.08 -18.87
C GLN A 1024 11.25 -10.66 -18.42
N SER A 1025 12.26 -9.92 -17.94
CA SER A 1025 12.05 -8.58 -17.40
C SER A 1025 11.92 -7.54 -18.51
N LEU A 1026 12.02 -7.99 -19.76
CA LEU A 1026 11.83 -7.12 -20.91
C LEU A 1026 10.54 -7.51 -21.63
N LYS A 1027 9.82 -6.51 -22.14
CA LYS A 1027 8.51 -6.77 -22.73
C LYS A 1027 8.49 -6.58 -24.25
N TRP A 1028 8.07 -7.62 -24.96
CA TRP A 1028 7.93 -7.56 -26.42
C TRP A 1028 6.51 -7.17 -26.85
N GLN A 1029 5.59 -7.12 -25.90
CA GLN A 1029 4.19 -6.90 -26.24
C GLN A 1029 3.91 -5.48 -26.71
N LEU A 1030 4.82 -4.56 -26.38
CA LEU A 1030 4.66 -3.17 -26.81
C LEU A 1030 5.47 -2.78 -28.05
N MET A 1031 6.30 -3.70 -28.56
CA MET A 1031 7.22 -3.33 -29.65
C MET A 1031 6.49 -2.92 -30.93
N GLU A 1032 5.33 -3.53 -31.17
CA GLU A 1032 4.52 -3.20 -32.33
C GLU A 1032 3.82 -1.86 -32.15
N THR A 1033 3.48 -1.54 -30.89
CA THR A 1033 2.69 -0.36 -30.57
C THR A 1033 3.47 0.95 -30.78
N VAL A 1034 4.65 1.04 -30.19
CA VAL A 1034 5.47 2.24 -30.27
C VAL A 1034 5.96 2.48 -31.70
N LEU A 1035 6.26 1.39 -32.40
CA LEU A 1035 6.77 1.44 -33.76
C LEU A 1035 5.77 2.11 -34.71
N ALA A 1036 4.48 1.93 -34.44
CA ALA A 1036 3.44 2.49 -35.28
C ALA A 1036 3.35 4.00 -35.16
N TRP A 1037 3.62 4.51 -33.96
CA TRP A 1037 3.61 5.95 -33.72
C TRP A 1037 4.76 6.65 -34.43
N ALA A 1038 5.89 5.94 -34.54
CA ALA A 1038 7.07 6.49 -35.21
C ALA A 1038 6.85 6.59 -36.71
N GLN A 1039 5.96 5.78 -37.24
CA GLN A 1039 5.65 5.78 -38.66
C GLN A 1039 4.56 6.80 -38.99
N GLY A 1040 4.12 7.53 -37.97
CA GLY A 1040 3.17 8.62 -38.16
C GLY A 1040 1.73 8.19 -38.28
N ARG A 1041 1.34 7.15 -37.55
CA ARG A 1041 -0.06 6.74 -37.48
C ARG A 1041 -0.76 7.46 -36.34
N PRO A 1042 -2.07 7.74 -36.50
CA PRO A 1042 -2.83 8.51 -35.51
C PRO A 1042 -2.84 7.89 -34.12
N PHE A 1043 -2.85 8.75 -33.09
CA PHE A 1043 -2.79 8.34 -31.70
C PHE A 1043 -4.00 7.49 -31.30
N SER A 1044 -5.15 7.79 -31.90
CA SER A 1044 -6.39 7.12 -31.55
C SER A 1044 -6.38 5.63 -31.87
N GLU A 1045 -5.81 5.29 -33.03
CA GLU A 1045 -5.73 3.89 -33.46
C GLU A 1045 -4.68 3.13 -32.66
N ILE A 1046 -3.69 3.85 -32.15
CA ILE A 1046 -2.57 3.25 -31.43
C ILE A 1046 -3.03 2.46 -30.20
N CYS A 1047 -3.93 3.03 -29.42
CA CYS A 1047 -4.41 2.39 -28.20
C CYS A 1047 -5.37 1.25 -28.50
N LYS A 1048 -5.75 1.09 -29.77
CA LYS A 1048 -6.63 -0.01 -30.16
C LYS A 1048 -5.84 -1.29 -30.41
N MET A 1049 -4.52 -1.17 -30.55
CA MET A 1049 -3.66 -2.33 -30.79
C MET A 1049 -3.47 -3.15 -29.52
N THR A 1050 -3.40 -2.46 -28.39
CA THR A 1050 -3.12 -3.09 -27.11
C THR A 1050 -4.07 -2.63 -26.01
N ASN A 1051 -4.03 -3.31 -24.88
CA ASN A 1051 -4.89 -2.98 -23.75
C ASN A 1051 -4.23 -1.96 -22.81
N VAL A 1052 -3.08 -1.45 -23.23
CA VAL A 1052 -2.36 -0.41 -22.48
C VAL A 1052 -3.24 0.80 -22.20
N TYR A 1053 -3.15 1.32 -20.97
CA TYR A 1053 -3.83 2.55 -20.60
C TYR A 1053 -3.38 3.70 -21.49
N GLU A 1054 -4.31 4.57 -21.87
CA GLU A 1054 -3.98 5.74 -22.68
C GLU A 1054 -3.08 6.69 -21.89
N GLY A 1055 -3.24 6.68 -20.57
CA GLY A 1055 -2.40 7.47 -19.69
C GLY A 1055 -1.04 6.83 -19.49
N SER A 1056 -1.02 5.51 -19.36
CA SER A 1056 0.24 4.78 -19.18
C SER A 1056 1.06 4.79 -20.46
N LEU A 1057 0.39 4.85 -21.60
CA LEU A 1057 1.07 4.90 -22.90
C LEU A 1057 1.87 6.19 -23.01
N ILE A 1058 1.30 7.27 -22.48
CA ILE A 1058 1.99 8.55 -22.42
C ILE A 1058 3.22 8.45 -21.52
N ARG A 1059 3.06 7.77 -20.40
CA ARG A 1059 4.13 7.62 -19.41
C ARG A 1059 5.35 6.89 -19.95
N LEU A 1060 5.12 5.79 -20.66
CA LEU A 1060 6.23 4.98 -21.15
C LEU A 1060 6.88 5.62 -22.38
N PHE A 1061 6.17 6.53 -23.03
CA PHE A 1061 6.73 7.24 -24.18
C PHE A 1061 7.70 8.34 -23.74
N ARG A 1062 7.27 9.15 -22.76
CA ARG A 1062 8.06 10.29 -22.32
C ARG A 1062 9.34 9.79 -21.64
N ARG A 1063 9.26 8.62 -21.04
CA ARG A 1063 10.43 8.04 -20.38
C ARG A 1063 11.34 7.34 -21.37
N LEU A 1064 10.73 6.77 -22.40
CA LEU A 1064 11.48 6.20 -23.49
C LEU A 1064 12.21 7.34 -24.19
N GLU A 1065 11.52 8.46 -24.31
CA GLU A 1065 12.08 9.67 -24.93
C GLU A 1065 13.37 10.09 -24.23
N GLU A 1066 13.41 9.90 -22.91
CA GLU A 1066 14.57 10.29 -22.13
C GLU A 1066 15.71 9.28 -22.17
N LEU A 1067 15.39 8.01 -22.37
CA LEU A 1067 16.43 7.01 -22.54
C LEU A 1067 17.22 7.32 -23.81
N LEU A 1068 16.52 7.81 -24.83
CA LEU A 1068 17.15 8.24 -26.08
C LEU A 1068 18.10 9.41 -25.84
N ARG A 1069 17.60 10.44 -25.17
CA ARG A 1069 18.38 11.64 -24.90
C ARG A 1069 19.60 11.31 -24.03
N GLN A 1070 19.48 10.29 -23.20
CA GLN A 1070 20.57 9.85 -22.34
C GLN A 1070 21.58 9.01 -23.13
N MET A 1071 21.08 8.18 -24.04
CA MET A 1071 21.97 7.35 -24.85
C MET A 1071 22.63 8.18 -25.95
N ALA A 1072 22.06 9.35 -26.22
CA ALA A 1072 22.68 10.29 -27.14
C ALA A 1072 24.00 10.77 -26.55
N GLU A 1073 24.02 10.93 -25.23
CA GLU A 1073 25.23 11.29 -24.51
C GLU A 1073 26.16 10.10 -24.33
N ALA A 1074 25.57 8.90 -24.30
CA ALA A 1074 26.34 7.68 -24.14
C ALA A 1074 27.22 7.42 -25.36
N ALA A 1075 26.66 7.64 -26.55
CA ALA A 1075 27.39 7.47 -27.79
C ALA A 1075 28.42 8.59 -27.95
N ARG A 1076 28.15 9.73 -27.32
CA ARG A 1076 29.02 10.89 -27.41
C ARG A 1076 30.35 10.66 -26.71
N VAL A 1077 30.32 9.85 -25.64
CA VAL A 1077 31.54 9.52 -24.91
C VAL A 1077 32.33 8.42 -25.64
N MET A 1078 31.61 7.52 -26.30
CA MET A 1078 32.24 6.38 -26.96
C MET A 1078 33.12 6.76 -28.13
N GLY A 1079 32.92 7.96 -28.67
CA GLY A 1079 33.70 8.42 -29.80
C GLY A 1079 33.04 8.14 -31.13
N SER A 1080 31.95 7.39 -31.09
CA SER A 1080 31.17 7.14 -32.30
C SER A 1080 30.03 8.15 -32.38
N GLU A 1081 30.14 9.06 -33.34
CA GLU A 1081 29.20 10.17 -33.46
C GLU A 1081 28.09 9.85 -34.45
N GLU A 1082 28.18 8.69 -35.08
CA GLU A 1082 27.15 8.24 -36.00
C GLU A 1082 25.95 7.69 -35.22
N LEU A 1083 26.22 7.11 -34.06
CA LEU A 1083 25.16 6.57 -33.21
C LEU A 1083 24.48 7.65 -32.41
N LYS A 1084 25.13 8.81 -32.30
CA LYS A 1084 24.52 9.95 -31.63
C LYS A 1084 23.37 10.49 -32.46
N ASP A 1085 23.63 10.74 -33.74
CA ASP A 1085 22.59 11.19 -34.66
C ASP A 1085 21.53 10.11 -34.83
N LYS A 1086 21.95 8.86 -34.67
CA LYS A 1086 21.03 7.72 -34.76
C LYS A 1086 19.98 7.79 -33.66
N PHE A 1087 20.40 8.18 -32.46
CA PHE A 1087 19.48 8.33 -31.35
C PHE A 1087 18.75 9.68 -31.38
N GLU A 1088 19.32 10.65 -32.09
CA GLU A 1088 18.70 11.95 -32.24
C GLU A 1088 17.63 11.95 -33.33
N LEU A 1089 17.92 11.28 -34.44
CA LEU A 1089 16.96 11.16 -35.53
C LEU A 1089 15.78 10.30 -35.09
N SER A 1090 16.05 9.37 -34.19
CA SER A 1090 15.00 8.53 -33.61
C SER A 1090 14.19 9.33 -32.60
N LEU A 1091 14.87 10.22 -31.87
CA LEU A 1091 14.23 11.06 -30.88
C LEU A 1091 13.29 12.06 -31.52
N SER A 1092 13.65 12.52 -32.71
CA SER A 1092 12.87 13.52 -33.43
C SER A 1092 11.52 12.97 -33.90
N LYS A 1093 11.41 11.65 -33.98
CA LYS A 1093 10.20 11.02 -34.48
C LYS A 1093 9.22 10.69 -33.36
N ILE A 1094 9.65 10.83 -32.12
CA ILE A 1094 8.77 10.64 -30.97
C ILE A 1094 8.21 11.99 -30.51
N ARG A 1095 8.66 13.07 -31.15
CA ARG A 1095 8.29 14.41 -30.72
C ARG A 1095 7.36 15.12 -31.71
N ARG A 1096 6.19 15.50 -31.22
CA ARG A 1096 5.21 16.24 -32.00
C ARG A 1096 4.44 17.22 -31.12
N ASP A 1097 3.38 17.80 -31.66
CA ASP A 1097 2.64 18.86 -30.98
C ASP A 1097 1.78 18.39 -29.79
N ILE A 1098 0.92 17.41 -30.01
CA ILE A 1098 -0.09 17.06 -29.01
C ILE A 1098 0.41 16.06 -27.96
N VAL A 1099 1.52 15.40 -28.23
CA VAL A 1099 2.10 14.50 -27.23
C VAL A 1099 2.97 15.29 -26.27
N SER A 1100 3.31 16.52 -26.65
CA SER A 1100 3.91 17.42 -25.68
C SER A 1100 2.83 18.39 -25.23
N PHE A 1101 2.30 18.15 -24.04
CA PHE A 1101 1.30 19.03 -23.46
C PHE A 1101 1.57 19.22 -21.97
N ASN A 1102 2.06 20.39 -21.59
CA ASN A 1102 2.18 20.71 -20.17
C ASN A 1102 1.71 22.13 -19.84
N SER A 1103 2.55 23.10 -20.20
CA SER A 1103 2.20 24.52 -20.14
C SER A 1103 3.07 25.29 -21.13
N LEU A 1104 2.51 26.34 -21.73
CA LEU A 1104 3.30 27.19 -22.61
C LEU A 1104 3.27 28.63 -22.10
N TYR A 1105 4.39 29.10 -21.57
CA TYR A 1105 4.46 30.43 -20.96
C TYR A 1105 5.65 31.26 -21.46
N LEU A 1106 6.85 30.86 -21.05
CA LEU A 1106 8.05 31.62 -21.34
C LEU A 1106 9.28 30.72 -21.46
#